data_1K8S
# 
_entry.id   1K8S 
# 
_audit_conform.dict_name       mmcif_pdbx.dic 
_audit_conform.dict_version    5.392 
_audit_conform.dict_location   http://mmcif.pdb.org/dictionaries/ascii/mmcif_pdbx.dic 
# 
loop_
_database_2.database_id 
_database_2.database_code 
_database_2.pdbx_database_accession 
_database_2.pdbx_DOI 
PDB   1K8S         pdb_00001k8s 10.2210/pdb1k8s/pdb 
RCSB  RCSB014702   ?            ?                   
WWPDB D_1000014702 ?            ?                   
# 
loop_
_pdbx_audit_revision_history.ordinal 
_pdbx_audit_revision_history.data_content_type 
_pdbx_audit_revision_history.major_revision 
_pdbx_audit_revision_history.minor_revision 
_pdbx_audit_revision_history.revision_date 
1 'Structure model' 1 0 2001-11-14 
2 'Structure model' 1 1 2008-04-27 
3 'Structure model' 1 2 2011-07-13 
4 'Structure model' 1 3 2022-02-23 
5 'Structure model' 1 4 2024-05-22 
# 
_pdbx_audit_revision_details.ordinal             1 
_pdbx_audit_revision_details.revision_ordinal    1 
_pdbx_audit_revision_details.data_content_type   'Structure model' 
_pdbx_audit_revision_details.provider            repository 
_pdbx_audit_revision_details.type                'Initial release' 
_pdbx_audit_revision_details.description         ? 
_pdbx_audit_revision_details.details             ? 
# 
loop_
_pdbx_audit_revision_group.ordinal 
_pdbx_audit_revision_group.revision_ordinal 
_pdbx_audit_revision_group.data_content_type 
_pdbx_audit_revision_group.group 
1 2 'Structure model' 'Version format compliance' 
2 3 'Structure model' 'Version format compliance' 
3 4 'Structure model' 'Data collection'           
4 4 'Structure model' 'Database references'       
5 4 'Structure model' 'Derived calculations'      
6 5 'Structure model' 'Data collection'           
# 
loop_
_pdbx_audit_revision_category.ordinal 
_pdbx_audit_revision_category.revision_ordinal 
_pdbx_audit_revision_category.data_content_type 
_pdbx_audit_revision_category.category 
1 4 'Structure model' database_2            
2 4 'Structure model' pdbx_nmr_software     
3 4 'Structure model' pdbx_struct_assembly  
4 4 'Structure model' pdbx_struct_oper_list 
5 5 'Structure model' chem_comp_atom        
6 5 'Structure model' chem_comp_bond        
# 
loop_
_pdbx_audit_revision_item.ordinal 
_pdbx_audit_revision_item.revision_ordinal 
_pdbx_audit_revision_item.data_content_type 
_pdbx_audit_revision_item.item 
1 4 'Structure model' '_database_2.pdbx_DOI'                
2 4 'Structure model' '_database_2.pdbx_database_accession' 
3 4 'Structure model' '_pdbx_nmr_software.name'             
# 
_pdbx_database_status.status_code                     REL 
_pdbx_database_status.entry_id                        1K8S 
_pdbx_database_status.recvd_initial_deposition_date   2001-10-25 
_pdbx_database_status.deposit_site                    RCSB 
_pdbx_database_status.process_site                    RCSB 
_pdbx_database_status.SG_entry                        . 
_pdbx_database_status.pdb_format_compatible           Y 
_pdbx_database_status.status_code_mr                  ? 
_pdbx_database_status.status_code_sf                  ? 
_pdbx_database_status.status_code_cs                  ? 
_pdbx_database_status.status_code_nmr_data            ? 
_pdbx_database_status.methods_development_category    ? 
# 
loop_
_audit_author.name 
_audit_author.pdbx_ordinal 
'Thiviyanathan, V.' 1 
'Guliaev, A.B.'     2 
'Leontis, N.B.'     3 
'Gorenstein, D.G.'  4 
# 
_citation.id                        primary 
_citation.title                     
'Solution conformation of a bulged adenosine base in an RNA duplex by relaxation matrix refinement.' 
_citation.journal_abbrev            J.Mol.Biol. 
_citation.journal_volume            300 
_citation.page_first                1143 
_citation.page_last                 1154 
_citation.year                      2000 
_citation.journal_id_ASTM           JMOBAK 
_citation.country                   UK 
_citation.journal_id_ISSN           0022-2836 
_citation.journal_id_CSD            0070 
_citation.book_publisher            ? 
_citation.pdbx_database_id_PubMed   10903860 
_citation.pdbx_database_id_DOI      10.1006/jmbi.2000.3931 
# 
loop_
_citation_author.citation_id 
_citation_author.name 
_citation_author.ordinal 
_citation_author.identifier_ORCID 
primary 'Thiviyanathan, V.' 1 ? 
primary 'Guliaev, A.B.'     2 ? 
primary 'Leontis, N.B.'     3 ? 
primary 'Gorenstein, D.G.'  4 ? 
# 
loop_
_entity.id 
_entity.type 
_entity.src_method 
_entity.pdbx_description 
_entity.formula_weight 
_entity.pdbx_number_of_molecules 
_entity.pdbx_ec 
_entity.pdbx_mutation 
_entity.pdbx_fragment 
_entity.details 
1 polymer syn "5'-R(*GP*GP*CP*AP*GP*AP*GP*UP*GP*CP*CP*GP*C)-3'" 4211.582 1 ? ? ? 'Bulged base RNA duplex E Coli 5S rRNA' 
2 polymer syn "5'-R(*GP*CP*GP*GP*CP*AP*CP*CP*UP*GP*CP*C)-3'"    3802.328 1 ? ? ? ?                                       
# 
loop_
_entity_poly.entity_id 
_entity_poly.type 
_entity_poly.nstd_linkage 
_entity_poly.nstd_monomer 
_entity_poly.pdbx_seq_one_letter_code 
_entity_poly.pdbx_seq_one_letter_code_can 
_entity_poly.pdbx_strand_id 
_entity_poly.pdbx_target_identifier 
1 polyribonucleotide no no GGCAGAGUGCCGC GGCAGAGUGCCGC A ? 
2 polyribonucleotide no no GCGGCACCUGCC  GCGGCACCUGCC  B ? 
# 
loop_
_entity_poly_seq.entity_id 
_entity_poly_seq.num 
_entity_poly_seq.mon_id 
_entity_poly_seq.hetero 
1 1  G n 
1 2  G n 
1 3  C n 
1 4  A n 
1 5  G n 
1 6  A n 
1 7  G n 
1 8  U n 
1 9  G n 
1 10 C n 
1 11 C n 
1 12 G n 
1 13 C n 
2 1  G n 
2 2  C n 
2 3  G n 
2 4  G n 
2 5  C n 
2 6  A n 
2 7  C n 
2 8  C n 
2 9  U n 
2 10 G n 
2 11 C n 
2 12 C n 
# 
loop_
_pdbx_entity_src_syn.entity_id 
_pdbx_entity_src_syn.pdbx_src_id 
_pdbx_entity_src_syn.pdbx_alt_source_flag 
_pdbx_entity_src_syn.pdbx_beg_seq_num 
_pdbx_entity_src_syn.pdbx_end_seq_num 
_pdbx_entity_src_syn.organism_scientific 
_pdbx_entity_src_syn.organism_common_name 
_pdbx_entity_src_syn.ncbi_taxonomy_id 
_pdbx_entity_src_syn.details 
1 1 sample ? ? ? ? ? 'Enzymatically synthesized using T7 RNA Polymerase.' 
2 1 sample ? ? ? ? ? 'Enzymatically synthesized using T7 RNA Polymerase.' 
# 
loop_
_chem_comp.id 
_chem_comp.type 
_chem_comp.mon_nstd_flag 
_chem_comp.name 
_chem_comp.pdbx_synonyms 
_chem_comp.formula 
_chem_comp.formula_weight 
A 'RNA linking' y "ADENOSINE-5'-MONOPHOSPHATE" ? 'C10 H14 N5 O7 P' 347.221 
C 'RNA linking' y "CYTIDINE-5'-MONOPHOSPHATE"  ? 'C9 H14 N3 O8 P'  323.197 
G 'RNA linking' y "GUANOSINE-5'-MONOPHOSPHATE" ? 'C10 H14 N5 O8 P' 363.221 
U 'RNA linking' y "URIDINE-5'-MONOPHOSPHATE"   ? 'C9 H13 N2 O9 P'  324.181 
# 
loop_
_pdbx_poly_seq_scheme.asym_id 
_pdbx_poly_seq_scheme.entity_id 
_pdbx_poly_seq_scheme.seq_id 
_pdbx_poly_seq_scheme.mon_id 
_pdbx_poly_seq_scheme.ndb_seq_num 
_pdbx_poly_seq_scheme.pdb_seq_num 
_pdbx_poly_seq_scheme.auth_seq_num 
_pdbx_poly_seq_scheme.pdb_mon_id 
_pdbx_poly_seq_scheme.auth_mon_id 
_pdbx_poly_seq_scheme.pdb_strand_id 
_pdbx_poly_seq_scheme.pdb_ins_code 
_pdbx_poly_seq_scheme.hetero 
A 1 1  G 1  1  1  G RG5 A . n 
A 1 2  G 2  2  2  G RG  A . n 
A 1 3  C 3  3  3  C RC  A . n 
A 1 4  A 4  4  4  A RA  A . n 
A 1 5  G 5  5  5  G RG  A . n 
A 1 6  A 6  6  6  A RA  A . n 
A 1 7  G 7  7  7  G RG  A . n 
A 1 8  U 8  8  8  U RU  A . n 
A 1 9  G 9  9  9  G RG  A . n 
A 1 10 C 10 10 10 C RC  A . n 
A 1 11 C 11 11 11 C RC  A . n 
A 1 12 G 12 12 12 G RG  A . n 
A 1 13 C 13 13 13 C RC3 A . n 
B 2 1  G 1  14 14 G RG5 B . n 
B 2 2  C 2  15 15 C RC  B . n 
B 2 3  G 3  16 16 G RG  B . n 
B 2 4  G 4  17 17 G RG  B . n 
B 2 5  C 5  18 18 C RC  B . n 
B 2 6  A 6  19 19 A RA  B . n 
B 2 7  C 7  20 20 C RC  B . n 
B 2 8  C 8  21 21 C RC  B . n 
B 2 9  U 9  22 22 U RU  B . n 
B 2 10 G 10 23 23 G RG  B . n 
B 2 11 C 11 24 24 C RC  B . n 
B 2 12 C 12 25 25 C RC3 B . n 
# 
_exptl.entry_id          1K8S 
_exptl.method            'SOLUTION NMR' 
_exptl.crystals_number   ? 
# 
_exptl_crystal.id                    1 
_exptl_crystal.density_meas          ? 
_exptl_crystal.density_Matthews      ? 
_exptl_crystal.density_percent_sol   ? 
_exptl_crystal.description           ? 
# 
_diffrn.id                     1 
_diffrn.ambient_temp           ? 
_diffrn.ambient_temp_details   ? 
_diffrn.crystal_id             1 
# 
_diffrn_radiation.diffrn_id                        1 
_diffrn_radiation.wavelength_id                    1 
_diffrn_radiation.pdbx_monochromatic_or_laue_m_l   M 
_diffrn_radiation.monochromator                    ? 
_diffrn_radiation.pdbx_diffrn_protocol             'SINGLE WAVELENGTH' 
_diffrn_radiation.pdbx_scattering_type             ? 
# 
_diffrn_radiation_wavelength.id           1 
_diffrn_radiation_wavelength.wavelength   . 
_diffrn_radiation_wavelength.wt           1.0 
# 
_struct.entry_id                  1K8S 
_struct.title                     'BULGED ADENOSINE IN AN RNA DUPLEX' 
_struct.pdbx_model_details        ? 
_struct.pdbx_CASP_flag            ? 
_struct.pdbx_model_type_details   ? 
# 
_struct_keywords.entry_id        1K8S 
_struct_keywords.pdbx_keywords   RNA 
_struct_keywords.text            'Bulged base, bulged adenosine, bulged RNA, RNA bulges, RNA' 
# 
loop_
_struct_asym.id 
_struct_asym.pdbx_blank_PDB_chainid_flag 
_struct_asym.pdbx_modified 
_struct_asym.entity_id 
_struct_asym.details 
A N N 1 ? 
B N N 2 ? 
# 
loop_
_struct_ref.id 
_struct_ref.entity_id 
_struct_ref.db_name 
_struct_ref.db_code 
_struct_ref.pdbx_db_accession 
_struct_ref.pdbx_db_isoform 
_struct_ref.pdbx_seq_one_letter_code 
_struct_ref.pdbx_align_begin 
1 1 PDB 1K8S 1K8S ? ? ? 
2 2 PDB 1K8S 1K8S ? ? ? 
# 
loop_
_struct_ref_seq.align_id 
_struct_ref_seq.ref_id 
_struct_ref_seq.pdbx_PDB_id_code 
_struct_ref_seq.pdbx_strand_id 
_struct_ref_seq.seq_align_beg 
_struct_ref_seq.pdbx_seq_align_beg_ins_code 
_struct_ref_seq.seq_align_end 
_struct_ref_seq.pdbx_seq_align_end_ins_code 
_struct_ref_seq.pdbx_db_accession 
_struct_ref_seq.db_align_beg 
_struct_ref_seq.pdbx_db_align_beg_ins_code 
_struct_ref_seq.db_align_end 
_struct_ref_seq.pdbx_db_align_end_ins_code 
_struct_ref_seq.pdbx_auth_seq_align_beg 
_struct_ref_seq.pdbx_auth_seq_align_end 
1 1 1K8S A 1 ? 13 ? 1K8S 1  ? 13 ? 1  13 
2 2 1K8S B 1 ? 12 ? 1K8S 14 ? 25 ? 14 25 
# 
_pdbx_struct_assembly.id                   1 
_pdbx_struct_assembly.details              author_defined_assembly 
_pdbx_struct_assembly.method_details       ? 
_pdbx_struct_assembly.oligomeric_details   dimeric 
_pdbx_struct_assembly.oligomeric_count     2 
# 
_pdbx_struct_assembly_gen.assembly_id       1 
_pdbx_struct_assembly_gen.oper_expression   1 
_pdbx_struct_assembly_gen.asym_id_list      A,B 
# 
_pdbx_struct_oper_list.id                   1 
_pdbx_struct_oper_list.type                 'identity operation' 
_pdbx_struct_oper_list.name                 1_555 
_pdbx_struct_oper_list.symmetry_operation   x,y,z 
_pdbx_struct_oper_list.matrix[1][1]         1.0000000000 
_pdbx_struct_oper_list.matrix[1][2]         0.0000000000 
_pdbx_struct_oper_list.matrix[1][3]         0.0000000000 
_pdbx_struct_oper_list.vector[1]            0.0000000000 
_pdbx_struct_oper_list.matrix[2][1]         0.0000000000 
_pdbx_struct_oper_list.matrix[2][2]         1.0000000000 
_pdbx_struct_oper_list.matrix[2][3]         0.0000000000 
_pdbx_struct_oper_list.vector[2]            0.0000000000 
_pdbx_struct_oper_list.matrix[3][1]         0.0000000000 
_pdbx_struct_oper_list.matrix[3][2]         0.0000000000 
_pdbx_struct_oper_list.matrix[3][3]         1.0000000000 
_pdbx_struct_oper_list.vector[3]            0.0000000000 
# 
_struct_biol.id   1 
# 
loop_
_struct_conn.id 
_struct_conn.conn_type_id 
_struct_conn.pdbx_leaving_atom_flag 
_struct_conn.pdbx_PDB_id 
_struct_conn.ptnr1_label_asym_id 
_struct_conn.ptnr1_label_comp_id 
_struct_conn.ptnr1_label_seq_id 
_struct_conn.ptnr1_label_atom_id 
_struct_conn.pdbx_ptnr1_label_alt_id 
_struct_conn.pdbx_ptnr1_PDB_ins_code 
_struct_conn.pdbx_ptnr1_standard_comp_id 
_struct_conn.ptnr1_symmetry 
_struct_conn.ptnr2_label_asym_id 
_struct_conn.ptnr2_label_comp_id 
_struct_conn.ptnr2_label_seq_id 
_struct_conn.ptnr2_label_atom_id 
_struct_conn.pdbx_ptnr2_label_alt_id 
_struct_conn.pdbx_ptnr2_PDB_ins_code 
_struct_conn.ptnr1_auth_asym_id 
_struct_conn.ptnr1_auth_comp_id 
_struct_conn.ptnr1_auth_seq_id 
_struct_conn.ptnr2_auth_asym_id 
_struct_conn.ptnr2_auth_comp_id 
_struct_conn.ptnr2_auth_seq_id 
_struct_conn.ptnr2_symmetry 
_struct_conn.pdbx_ptnr3_label_atom_id 
_struct_conn.pdbx_ptnr3_label_seq_id 
_struct_conn.pdbx_ptnr3_label_comp_id 
_struct_conn.pdbx_ptnr3_label_asym_id 
_struct_conn.pdbx_ptnr3_label_alt_id 
_struct_conn.pdbx_ptnr3_PDB_ins_code 
_struct_conn.details 
_struct_conn.pdbx_dist_value 
_struct_conn.pdbx_value_order 
_struct_conn.pdbx_role 
hydrog1  hydrog ? ? A G 1  N1 ? ? ? 1_555 B C 12 N3 ? ? A G 1  B C 25 1_555 ? ? ? ? ? ? WATSON-CRICK ? ? ? 
hydrog2  hydrog ? ? A G 1  N2 ? ? ? 1_555 B C 12 O2 ? ? A G 1  B C 25 1_555 ? ? ? ? ? ? WATSON-CRICK ? ? ? 
hydrog3  hydrog ? ? A G 1  O6 ? ? ? 1_555 B C 12 N4 ? ? A G 1  B C 25 1_555 ? ? ? ? ? ? WATSON-CRICK ? ? ? 
hydrog4  hydrog ? ? A G 2  N1 ? ? ? 1_555 B C 11 N3 ? ? A G 2  B C 24 1_555 ? ? ? ? ? ? WATSON-CRICK ? ? ? 
hydrog5  hydrog ? ? A G 2  N2 ? ? ? 1_555 B C 11 O2 ? ? A G 2  B C 24 1_555 ? ? ? ? ? ? WATSON-CRICK ? ? ? 
hydrog6  hydrog ? ? A G 2  O6 ? ? ? 1_555 B C 11 N4 ? ? A G 2  B C 24 1_555 ? ? ? ? ? ? WATSON-CRICK ? ? ? 
hydrog7  hydrog ? ? A C 3  N3 ? ? ? 1_555 B G 10 N1 ? ? A C 3  B G 23 1_555 ? ? ? ? ? ? WATSON-CRICK ? ? ? 
hydrog8  hydrog ? ? A C 3  N4 ? ? ? 1_555 B G 10 O6 ? ? A C 3  B G 23 1_555 ? ? ? ? ? ? WATSON-CRICK ? ? ? 
hydrog9  hydrog ? ? A C 3  O2 ? ? ? 1_555 B G 10 N2 ? ? A C 3  B G 23 1_555 ? ? ? ? ? ? WATSON-CRICK ? ? ? 
hydrog10 hydrog ? ? A A 4  N1 ? ? ? 1_555 B U 9  N3 ? ? A A 4  B U 22 1_555 ? ? ? ? ? ? WATSON-CRICK ? ? ? 
hydrog11 hydrog ? ? A A 4  N6 ? ? ? 1_555 B U 9  O4 ? ? A A 4  B U 22 1_555 ? ? ? ? ? ? WATSON-CRICK ? ? ? 
hydrog12 hydrog ? ? A G 5  N1 ? ? ? 1_555 B C 8  N3 ? ? A G 5  B C 21 1_555 ? ? ? ? ? ? WATSON-CRICK ? ? ? 
hydrog13 hydrog ? ? A G 5  N2 ? ? ? 1_555 B C 8  O2 ? ? A G 5  B C 21 1_555 ? ? ? ? ? ? WATSON-CRICK ? ? ? 
hydrog14 hydrog ? ? A G 5  O6 ? ? ? 1_555 B C 8  N4 ? ? A G 5  B C 21 1_555 ? ? ? ? ? ? WATSON-CRICK ? ? ? 
hydrog15 hydrog ? ? A G 7  N1 ? ? ? 1_555 B C 7  N3 ? ? A G 7  B C 20 1_555 ? ? ? ? ? ? WATSON-CRICK ? ? ? 
hydrog16 hydrog ? ? A G 7  N2 ? ? ? 1_555 B C 7  O2 ? ? A G 7  B C 20 1_555 ? ? ? ? ? ? WATSON-CRICK ? ? ? 
hydrog17 hydrog ? ? A G 7  O6 ? ? ? 1_555 B C 7  N4 ? ? A G 7  B C 20 1_555 ? ? ? ? ? ? WATSON-CRICK ? ? ? 
hydrog18 hydrog ? ? A U 8  N3 ? ? ? 1_555 B A 6  N1 ? ? A U 8  B A 19 1_555 ? ? ? ? ? ? WATSON-CRICK ? ? ? 
hydrog19 hydrog ? ? A U 8  O4 ? ? ? 1_555 B A 6  N6 ? ? A U 8  B A 19 1_555 ? ? ? ? ? ? WATSON-CRICK ? ? ? 
hydrog20 hydrog ? ? A G 9  N1 ? ? ? 1_555 B C 5  N3 ? ? A G 9  B C 18 1_555 ? ? ? ? ? ? WATSON-CRICK ? ? ? 
hydrog21 hydrog ? ? A G 9  N2 ? ? ? 1_555 B C 5  O2 ? ? A G 9  B C 18 1_555 ? ? ? ? ? ? WATSON-CRICK ? ? ? 
hydrog22 hydrog ? ? A G 9  O6 ? ? ? 1_555 B C 5  N4 ? ? A G 9  B C 18 1_555 ? ? ? ? ? ? WATSON-CRICK ? ? ? 
hydrog23 hydrog ? ? A C 10 N3 ? ? ? 1_555 B G 4  N1 ? ? A C 10 B G 17 1_555 ? ? ? ? ? ? WATSON-CRICK ? ? ? 
hydrog24 hydrog ? ? A C 10 N4 ? ? ? 1_555 B G 4  O6 ? ? A C 10 B G 17 1_555 ? ? ? ? ? ? WATSON-CRICK ? ? ? 
hydrog25 hydrog ? ? A C 10 O2 ? ? ? 1_555 B G 4  N2 ? ? A C 10 B G 17 1_555 ? ? ? ? ? ? WATSON-CRICK ? ? ? 
hydrog26 hydrog ? ? A C 11 N3 ? ? ? 1_555 B G 3  N1 ? ? A C 11 B G 16 1_555 ? ? ? ? ? ? WATSON-CRICK ? ? ? 
hydrog27 hydrog ? ? A C 11 N4 ? ? ? 1_555 B G 3  O6 ? ? A C 11 B G 16 1_555 ? ? ? ? ? ? WATSON-CRICK ? ? ? 
hydrog28 hydrog ? ? A C 11 O2 ? ? ? 1_555 B G 3  N2 ? ? A C 11 B G 16 1_555 ? ? ? ? ? ? WATSON-CRICK ? ? ? 
hydrog29 hydrog ? ? A G 12 N1 ? ? ? 1_555 B C 2  N3 ? ? A G 12 B C 15 1_555 ? ? ? ? ? ? WATSON-CRICK ? ? ? 
hydrog30 hydrog ? ? A G 12 N2 ? ? ? 1_555 B C 2  O2 ? ? A G 12 B C 15 1_555 ? ? ? ? ? ? WATSON-CRICK ? ? ? 
hydrog31 hydrog ? ? A G 12 O6 ? ? ? 1_555 B C 2  N4 ? ? A G 12 B C 15 1_555 ? ? ? ? ? ? WATSON-CRICK ? ? ? 
hydrog32 hydrog ? ? A C 13 N3 ? ? ? 1_555 B G 1  N1 ? ? A C 13 B G 14 1_555 ? ? ? ? ? ? WATSON-CRICK ? ? ? 
hydrog33 hydrog ? ? A C 13 N4 ? ? ? 1_555 B G 1  O6 ? ? A C 13 B G 14 1_555 ? ? ? ? ? ? WATSON-CRICK ? ? ? 
hydrog34 hydrog ? ? A C 13 O2 ? ? ? 1_555 B G 1  N2 ? ? A C 13 B G 14 1_555 ? ? ? ? ? ? WATSON-CRICK ? ? ? 
# 
_struct_conn_type.id          hydrog 
_struct_conn_type.criteria    ? 
_struct_conn_type.reference   ? 
# 
loop_
_pdbx_validate_rmsd_angle.id 
_pdbx_validate_rmsd_angle.PDB_model_num 
_pdbx_validate_rmsd_angle.auth_atom_id_1 
_pdbx_validate_rmsd_angle.auth_asym_id_1 
_pdbx_validate_rmsd_angle.auth_comp_id_1 
_pdbx_validate_rmsd_angle.auth_seq_id_1 
_pdbx_validate_rmsd_angle.PDB_ins_code_1 
_pdbx_validate_rmsd_angle.label_alt_id_1 
_pdbx_validate_rmsd_angle.auth_atom_id_2 
_pdbx_validate_rmsd_angle.auth_asym_id_2 
_pdbx_validate_rmsd_angle.auth_comp_id_2 
_pdbx_validate_rmsd_angle.auth_seq_id_2 
_pdbx_validate_rmsd_angle.PDB_ins_code_2 
_pdbx_validate_rmsd_angle.label_alt_id_2 
_pdbx_validate_rmsd_angle.auth_atom_id_3 
_pdbx_validate_rmsd_angle.auth_asym_id_3 
_pdbx_validate_rmsd_angle.auth_comp_id_3 
_pdbx_validate_rmsd_angle.auth_seq_id_3 
_pdbx_validate_rmsd_angle.PDB_ins_code_3 
_pdbx_validate_rmsd_angle.label_alt_id_3 
_pdbx_validate_rmsd_angle.angle_value 
_pdbx_validate_rmsd_angle.angle_target_value 
_pdbx_validate_rmsd_angle.angle_deviation 
_pdbx_validate_rmsd_angle.angle_standard_deviation 
_pdbx_validate_rmsd_angle.linker_flag 
1  1 "O4'" A G 1  ? ? "C1'" A G 1  ? ? N9    A G 1  ? ? 113.47 108.50 4.97  0.70 N 
2  1 "O4'" A C 3  ? ? "C1'" A C 3  ? ? N1    A C 3  ? ? 113.24 108.50 4.74  0.70 N 
3  1 "O4'" A A 4  ? ? "C1'" A A 4  ? ? N9    A A 4  ? ? 112.91 108.50 4.41  0.70 N 
4  1 C5    A A 6  ? ? C6    A A 6  ? ? N1    A A 6  ? ? 120.99 117.70 3.29  0.50 N 
5  1 N1    A A 6  ? ? C6    A A 6  ? ? N6    A A 6  ? ? 114.49 118.60 -4.11 0.60 N 
6  1 "O4'" A U 8  ? ? "C1'" A U 8  ? ? N1    A U 8  ? ? 115.09 108.50 6.59  0.70 N 
7  1 "O4'" A C 11 ? ? "C1'" A C 11 ? ? N1    A C 11 ? ? 114.87 108.50 6.37  0.70 N 
8  1 N3    A C 11 ? ? C2    A C 11 ? ? O2    A C 11 ? ? 117.59 121.90 -4.31 0.70 N 
9  1 "O4'" A G 12 ? ? "C1'" A G 12 ? ? N9    A G 12 ? ? 112.97 108.50 4.47  0.70 N 
10 1 "O4'" A C 13 ? ? "C1'" A C 13 ? ? N1    A C 13 ? ? 113.30 108.50 4.80  0.70 N 
11 1 "C3'" B C 15 ? ? "C2'" B C 15 ? ? "C1'" B C 15 ? ? 107.42 101.50 5.92  0.80 N 
12 1 "O4'" B C 15 ? ? "C1'" B C 15 ? ? N1    B C 15 ? ? 113.34 108.50 4.84  0.70 N 
13 1 "O4'" B G 16 ? ? "C1'" B G 16 ? ? N9    B G 16 ? ? 113.12 108.50 4.62  0.70 N 
14 1 "O4'" B C 18 ? ? "C1'" B C 18 ? ? N1    B C 18 ? ? 113.31 108.50 4.81  0.70 N 
15 1 "O4'" B A 19 ? ? "C1'" B A 19 ? ? N9    B A 19 ? ? 112.72 108.50 4.22  0.70 N 
16 1 N1    B A 19 ? ? C6    B A 19 ? ? N6    B A 19 ? ? 114.45 118.60 -4.15 0.60 N 
17 1 "O4'" B C 20 ? ? "C1'" B C 20 ? ? N1    B C 20 ? ? 112.96 108.50 4.46  0.70 N 
18 1 "C3'" B C 21 ? ? "C2'" B C 21 ? ? "C1'" B C 21 ? ? 106.65 101.50 5.15  0.80 N 
19 1 "C3'" B U 22 ? ? "C2'" B U 22 ? ? "C1'" B U 22 ? ? 106.76 101.50 5.26  0.80 N 
20 1 "O4'" B U 22 ? ? "C1'" B U 22 ? ? N1    B U 22 ? ? 113.65 108.50 5.15  0.70 N 
# 
loop_
_pdbx_validate_planes.id 
_pdbx_validate_planes.PDB_model_num 
_pdbx_validate_planes.auth_comp_id 
_pdbx_validate_planes.auth_asym_id 
_pdbx_validate_planes.auth_seq_id 
_pdbx_validate_planes.PDB_ins_code 
_pdbx_validate_planes.label_alt_id 
_pdbx_validate_planes.rmsd 
_pdbx_validate_planes.type 
1 1 A A 4  ? ? 0.071 'SIDE CHAIN' 
2 1 G A 7  ? ? 0.051 'SIDE CHAIN' 
3 1 G A 9  ? ? 0.092 'SIDE CHAIN' 
4 1 C A 11 ? ? 0.089 'SIDE CHAIN' 
5 1 G A 12 ? ? 0.079 'SIDE CHAIN' 
6 1 C A 13 ? ? 0.087 'SIDE CHAIN' 
7 1 C B 20 ? ? 0.061 'SIDE CHAIN' 
8 1 C B 21 ? ? 0.096 'SIDE CHAIN' 
# 
_pdbx_nmr_ensemble.entry_id                             1K8S 
_pdbx_nmr_ensemble.conformers_calculated_total_number   ? 
_pdbx_nmr_ensemble.conformers_submitted_total_number    1 
_pdbx_nmr_ensemble.conformer_selection_criteria         ? 
# 
_pdbx_nmr_sample_details.solution_id      1 
_pdbx_nmr_sample_details.contents         '100 mM NaCl, 10 mM sodium phosphate, 0.02 mM EDTA' 
_pdbx_nmr_sample_details.solvent_system   D2O/H2O 
# 
_pdbx_nmr_exptl_sample_conditions.conditions_id       1 
_pdbx_nmr_exptl_sample_conditions.temperature         298 
_pdbx_nmr_exptl_sample_conditions.pressure            ambient 
_pdbx_nmr_exptl_sample_conditions.pH                  6.8 
_pdbx_nmr_exptl_sample_conditions.ionic_strength      '110 mM' 
_pdbx_nmr_exptl_sample_conditions.pressure_units      ? 
_pdbx_nmr_exptl_sample_conditions.temperature_units   K 
# 
_pdbx_nmr_exptl.experiment_id   1 
_pdbx_nmr_exptl.solution_id     1 
_pdbx_nmr_exptl.conditions_id   1 
_pdbx_nmr_exptl.type            '2D NOESY' 
# 
_pdbx_nmr_refine.entry_id           1K8S 
_pdbx_nmr_refine.method             
;matrix relaxation, 
molecular dynamics, 
torsion angle dynamics
;
_pdbx_nmr_refine.details            ? 
_pdbx_nmr_refine.software_ordinal   1 
# 
loop_
_pdbx_nmr_software.name 
_pdbx_nmr_software.version 
_pdbx_nmr_software.classification 
_pdbx_nmr_software.authors 
_pdbx_nmr_software.ordinal 
Felix  95  'data analysis'               MSI                          1 
MORASS 2.1 'iterative matrix relaxation' 'Meadows, Gorenstein et al.' 2 
Amber  5.0 refinement                    UCSF                         3 
# 
loop_
_chem_comp_atom.comp_id 
_chem_comp_atom.atom_id 
_chem_comp_atom.type_symbol 
_chem_comp_atom.pdbx_aromatic_flag 
_chem_comp_atom.pdbx_stereo_config 
_chem_comp_atom.pdbx_ordinal 
A OP3    O N N 1   
A P      P N N 2   
A OP1    O N N 3   
A OP2    O N N 4   
A "O5'"  O N N 5   
A "C5'"  C N N 6   
A "C4'"  C N R 7   
A "O4'"  O N N 8   
A "C3'"  C N S 9   
A "O3'"  O N N 10  
A "C2'"  C N R 11  
A "O2'"  O N N 12  
A "C1'"  C N R 13  
A N9     N Y N 14  
A C8     C Y N 15  
A N7     N Y N 16  
A C5     C Y N 17  
A C6     C Y N 18  
A N6     N N N 19  
A N1     N Y N 20  
A C2     C Y N 21  
A N3     N Y N 22  
A C4     C Y N 23  
A HOP3   H N N 24  
A HOP2   H N N 25  
A "H5'"  H N N 26  
A "H5''" H N N 27  
A "H4'"  H N N 28  
A "H3'"  H N N 29  
A "HO3'" H N N 30  
A "H2'"  H N N 31  
A "HO2'" H N N 32  
A "H1'"  H N N 33  
A H8     H N N 34  
A H61    H N N 35  
A H62    H N N 36  
A H2     H N N 37  
C OP3    O N N 38  
C P      P N N 39  
C OP1    O N N 40  
C OP2    O N N 41  
C "O5'"  O N N 42  
C "C5'"  C N N 43  
C "C4'"  C N R 44  
C "O4'"  O N N 45  
C "C3'"  C N S 46  
C "O3'"  O N N 47  
C "C2'"  C N R 48  
C "O2'"  O N N 49  
C "C1'"  C N R 50  
C N1     N N N 51  
C C2     C N N 52  
C O2     O N N 53  
C N3     N N N 54  
C C4     C N N 55  
C N4     N N N 56  
C C5     C N N 57  
C C6     C N N 58  
C HOP3   H N N 59  
C HOP2   H N N 60  
C "H5'"  H N N 61  
C "H5''" H N N 62  
C "H4'"  H N N 63  
C "H3'"  H N N 64  
C "HO3'" H N N 65  
C "H2'"  H N N 66  
C "HO2'" H N N 67  
C "H1'"  H N N 68  
C H41    H N N 69  
C H42    H N N 70  
C H5     H N N 71  
C H6     H N N 72  
G OP3    O N N 73  
G P      P N N 74  
G OP1    O N N 75  
G OP2    O N N 76  
G "O5'"  O N N 77  
G "C5'"  C N N 78  
G "C4'"  C N R 79  
G "O4'"  O N N 80  
G "C3'"  C N S 81  
G "O3'"  O N N 82  
G "C2'"  C N R 83  
G "O2'"  O N N 84  
G "C1'"  C N R 85  
G N9     N Y N 86  
G C8     C Y N 87  
G N7     N Y N 88  
G C5     C Y N 89  
G C6     C N N 90  
G O6     O N N 91  
G N1     N N N 92  
G C2     C N N 93  
G N2     N N N 94  
G N3     N N N 95  
G C4     C Y N 96  
G HOP3   H N N 97  
G HOP2   H N N 98  
G "H5'"  H N N 99  
G "H5''" H N N 100 
G "H4'"  H N N 101 
G "H3'"  H N N 102 
G "HO3'" H N N 103 
G "H2'"  H N N 104 
G "HO2'" H N N 105 
G "H1'"  H N N 106 
G H8     H N N 107 
G H1     H N N 108 
G H21    H N N 109 
G H22    H N N 110 
U OP3    O N N 111 
U P      P N N 112 
U OP1    O N N 113 
U OP2    O N N 114 
U "O5'"  O N N 115 
U "C5'"  C N N 116 
U "C4'"  C N R 117 
U "O4'"  O N N 118 
U "C3'"  C N S 119 
U "O3'"  O N N 120 
U "C2'"  C N R 121 
U "O2'"  O N N 122 
U "C1'"  C N R 123 
U N1     N N N 124 
U C2     C N N 125 
U O2     O N N 126 
U N3     N N N 127 
U C4     C N N 128 
U O4     O N N 129 
U C5     C N N 130 
U C6     C N N 131 
U HOP3   H N N 132 
U HOP2   H N N 133 
U "H5'"  H N N 134 
U "H5''" H N N 135 
U "H4'"  H N N 136 
U "H3'"  H N N 137 
U "HO3'" H N N 138 
U "H2'"  H N N 139 
U "HO2'" H N N 140 
U "H1'"  H N N 141 
U H3     H N N 142 
U H5     H N N 143 
U H6     H N N 144 
# 
loop_
_chem_comp_bond.comp_id 
_chem_comp_bond.atom_id_1 
_chem_comp_bond.atom_id_2 
_chem_comp_bond.value_order 
_chem_comp_bond.pdbx_aromatic_flag 
_chem_comp_bond.pdbx_stereo_config 
_chem_comp_bond.pdbx_ordinal 
A OP3   P      sing N N 1   
A OP3   HOP3   sing N N 2   
A P     OP1    doub N N 3   
A P     OP2    sing N N 4   
A P     "O5'"  sing N N 5   
A OP2   HOP2   sing N N 6   
A "O5'" "C5'"  sing N N 7   
A "C5'" "C4'"  sing N N 8   
A "C5'" "H5'"  sing N N 9   
A "C5'" "H5''" sing N N 10  
A "C4'" "O4'"  sing N N 11  
A "C4'" "C3'"  sing N N 12  
A "C4'" "H4'"  sing N N 13  
A "O4'" "C1'"  sing N N 14  
A "C3'" "O3'"  sing N N 15  
A "C3'" "C2'"  sing N N 16  
A "C3'" "H3'"  sing N N 17  
A "O3'" "HO3'" sing N N 18  
A "C2'" "O2'"  sing N N 19  
A "C2'" "C1'"  sing N N 20  
A "C2'" "H2'"  sing N N 21  
A "O2'" "HO2'" sing N N 22  
A "C1'" N9     sing N N 23  
A "C1'" "H1'"  sing N N 24  
A N9    C8     sing Y N 25  
A N9    C4     sing Y N 26  
A C8    N7     doub Y N 27  
A C8    H8     sing N N 28  
A N7    C5     sing Y N 29  
A C5    C6     sing Y N 30  
A C5    C4     doub Y N 31  
A C6    N6     sing N N 32  
A C6    N1     doub Y N 33  
A N6    H61    sing N N 34  
A N6    H62    sing N N 35  
A N1    C2     sing Y N 36  
A C2    N3     doub Y N 37  
A C2    H2     sing N N 38  
A N3    C4     sing Y N 39  
C OP3   P      sing N N 40  
C OP3   HOP3   sing N N 41  
C P     OP1    doub N N 42  
C P     OP2    sing N N 43  
C P     "O5'"  sing N N 44  
C OP2   HOP2   sing N N 45  
C "O5'" "C5'"  sing N N 46  
C "C5'" "C4'"  sing N N 47  
C "C5'" "H5'"  sing N N 48  
C "C5'" "H5''" sing N N 49  
C "C4'" "O4'"  sing N N 50  
C "C4'" "C3'"  sing N N 51  
C "C4'" "H4'"  sing N N 52  
C "O4'" "C1'"  sing N N 53  
C "C3'" "O3'"  sing N N 54  
C "C3'" "C2'"  sing N N 55  
C "C3'" "H3'"  sing N N 56  
C "O3'" "HO3'" sing N N 57  
C "C2'" "O2'"  sing N N 58  
C "C2'" "C1'"  sing N N 59  
C "C2'" "H2'"  sing N N 60  
C "O2'" "HO2'" sing N N 61  
C "C1'" N1     sing N N 62  
C "C1'" "H1'"  sing N N 63  
C N1    C2     sing N N 64  
C N1    C6     sing N N 65  
C C2    O2     doub N N 66  
C C2    N3     sing N N 67  
C N3    C4     doub N N 68  
C C4    N4     sing N N 69  
C C4    C5     sing N N 70  
C N4    H41    sing N N 71  
C N4    H42    sing N N 72  
C C5    C6     doub N N 73  
C C5    H5     sing N N 74  
C C6    H6     sing N N 75  
G OP3   P      sing N N 76  
G OP3   HOP3   sing N N 77  
G P     OP1    doub N N 78  
G P     OP2    sing N N 79  
G P     "O5'"  sing N N 80  
G OP2   HOP2   sing N N 81  
G "O5'" "C5'"  sing N N 82  
G "C5'" "C4'"  sing N N 83  
G "C5'" "H5'"  sing N N 84  
G "C5'" "H5''" sing N N 85  
G "C4'" "O4'"  sing N N 86  
G "C4'" "C3'"  sing N N 87  
G "C4'" "H4'"  sing N N 88  
G "O4'" "C1'"  sing N N 89  
G "C3'" "O3'"  sing N N 90  
G "C3'" "C2'"  sing N N 91  
G "C3'" "H3'"  sing N N 92  
G "O3'" "HO3'" sing N N 93  
G "C2'" "O2'"  sing N N 94  
G "C2'" "C1'"  sing N N 95  
G "C2'" "H2'"  sing N N 96  
G "O2'" "HO2'" sing N N 97  
G "C1'" N9     sing N N 98  
G "C1'" "H1'"  sing N N 99  
G N9    C8     sing Y N 100 
G N9    C4     sing Y N 101 
G C8    N7     doub Y N 102 
G C8    H8     sing N N 103 
G N7    C5     sing Y N 104 
G C5    C6     sing N N 105 
G C5    C4     doub Y N 106 
G C6    O6     doub N N 107 
G C6    N1     sing N N 108 
G N1    C2     sing N N 109 
G N1    H1     sing N N 110 
G C2    N2     sing N N 111 
G C2    N3     doub N N 112 
G N2    H21    sing N N 113 
G N2    H22    sing N N 114 
G N3    C4     sing N N 115 
U OP3   P      sing N N 116 
U OP3   HOP3   sing N N 117 
U P     OP1    doub N N 118 
U P     OP2    sing N N 119 
U P     "O5'"  sing N N 120 
U OP2   HOP2   sing N N 121 
U "O5'" "C5'"  sing N N 122 
U "C5'" "C4'"  sing N N 123 
U "C5'" "H5'"  sing N N 124 
U "C5'" "H5''" sing N N 125 
U "C4'" "O4'"  sing N N 126 
U "C4'" "C3'"  sing N N 127 
U "C4'" "H4'"  sing N N 128 
U "O4'" "C1'"  sing N N 129 
U "C3'" "O3'"  sing N N 130 
U "C3'" "C2'"  sing N N 131 
U "C3'" "H3'"  sing N N 132 
U "O3'" "HO3'" sing N N 133 
U "C2'" "O2'"  sing N N 134 
U "C2'" "C1'"  sing N N 135 
U "C2'" "H2'"  sing N N 136 
U "O2'" "HO2'" sing N N 137 
U "C1'" N1     sing N N 138 
U "C1'" "H1'"  sing N N 139 
U N1    C2     sing N N 140 
U N1    C6     sing N N 141 
U C2    O2     doub N N 142 
U C2    N3     sing N N 143 
U N3    C4     sing N N 144 
U N3    H3     sing N N 145 
U C4    O4     doub N N 146 
U C4    C5     sing N N 147 
U C5    C6     doub N N 148 
U C5    H5     sing N N 149 
U C6    H6     sing N N 150 
# 
loop_
_ndb_struct_conf_na.entry_id 
_ndb_struct_conf_na.feature 
1K8S 'double helix'        
1K8S 'a-form double helix' 
1K8S 'bulge loop'          
# 
loop_
_ndb_struct_na_base_pair.model_number 
_ndb_struct_na_base_pair.i_label_asym_id 
_ndb_struct_na_base_pair.i_label_comp_id 
_ndb_struct_na_base_pair.i_label_seq_id 
_ndb_struct_na_base_pair.i_symmetry 
_ndb_struct_na_base_pair.j_label_asym_id 
_ndb_struct_na_base_pair.j_label_comp_id 
_ndb_struct_na_base_pair.j_label_seq_id 
_ndb_struct_na_base_pair.j_symmetry 
_ndb_struct_na_base_pair.shear 
_ndb_struct_na_base_pair.stretch 
_ndb_struct_na_base_pair.stagger 
_ndb_struct_na_base_pair.buckle 
_ndb_struct_na_base_pair.propeller 
_ndb_struct_na_base_pair.opening 
_ndb_struct_na_base_pair.pair_number 
_ndb_struct_na_base_pair.pair_name 
_ndb_struct_na_base_pair.i_auth_asym_id 
_ndb_struct_na_base_pair.i_auth_seq_id 
_ndb_struct_na_base_pair.i_PDB_ins_code 
_ndb_struct_na_base_pair.j_auth_asym_id 
_ndb_struct_na_base_pair.j_auth_seq_id 
_ndb_struct_na_base_pair.j_PDB_ins_code 
_ndb_struct_na_base_pair.hbond_type_28 
_ndb_struct_na_base_pair.hbond_type_12 
1 A G 1  1_555 B C 12 1_555 -0.439 -0.234 -0.222 -7.155  3.286   -0.662 1  A_G1:C25_B  A 1  ? B 25 ? 19 1 
1 A G 2  1_555 B C 11 1_555 -0.267 -0.155 0.126  2.275   -6.351  0.373  2  A_G2:C24_B  A 2  ? B 24 ? 19 1 
1 A C 3  1_555 B G 10 1_555 0.548  -0.272 -0.103 2.881   -15.578 0.310  3  A_C3:G23_B  A 3  ? B 23 ? 19 1 
1 A A 4  1_555 B U 9  1_555 -0.112 -0.089 -0.108 -15.588 -13.630 0.583  4  A_A4:U22_B  A 4  ? B 22 ? 20 1 
1 A G 5  1_555 B C 8  1_555 -0.318 -0.189 -0.157 -10.459 -19.144 -1.259 5  A_G5:C21_B  A 5  ? B 21 ? 19 1 
1 A G 7  1_555 B C 7  1_555 -0.321 -0.162 0.098  -17.716 -19.435 0.348  6  A_G7:C20_B  A 7  ? B 20 ? 19 1 
1 A U 8  1_555 B A 6  1_555 0.004  -0.143 0.873  -11.636 -0.894  4.834  7  A_U8:A19_B  A 8  ? B 19 ? 20 1 
1 A G 9  1_555 B C 5  1_555 -0.475 -0.261 0.250  5.892   -19.264 -0.340 8  A_G9:C18_B  A 9  ? B 18 ? 19 1 
1 A C 10 1_555 B G 4  1_555 0.370  -0.213 0.353  -3.253  -15.494 -0.539 9  A_C10:G17_B A 10 ? B 17 ? 19 1 
1 A C 11 1_555 B G 3  1_555 0.316  -0.231 0.070  -0.738  -24.110 -0.446 10 A_C11:G16_B A 11 ? B 16 ? 19 1 
1 A G 12 1_555 B C 2  1_555 -0.632 -0.239 -0.937 -24.806 -29.070 7.363  11 A_G12:C15_B A 12 ? B 15 ? 19 1 
1 A C 13 1_555 B G 1  1_555 0.489  -0.125 0.469  -24.615 12.521  2.101  12 A_C13:G14_B A 13 ? B 14 ? 19 1 
# 
loop_
_ndb_struct_na_base_pair_step.model_number 
_ndb_struct_na_base_pair_step.i_label_asym_id_1 
_ndb_struct_na_base_pair_step.i_label_comp_id_1 
_ndb_struct_na_base_pair_step.i_label_seq_id_1 
_ndb_struct_na_base_pair_step.i_symmetry_1 
_ndb_struct_na_base_pair_step.j_label_asym_id_1 
_ndb_struct_na_base_pair_step.j_label_comp_id_1 
_ndb_struct_na_base_pair_step.j_label_seq_id_1 
_ndb_struct_na_base_pair_step.j_symmetry_1 
_ndb_struct_na_base_pair_step.i_label_asym_id_2 
_ndb_struct_na_base_pair_step.i_label_comp_id_2 
_ndb_struct_na_base_pair_step.i_label_seq_id_2 
_ndb_struct_na_base_pair_step.i_symmetry_2 
_ndb_struct_na_base_pair_step.j_label_asym_id_2 
_ndb_struct_na_base_pair_step.j_label_comp_id_2 
_ndb_struct_na_base_pair_step.j_label_seq_id_2 
_ndb_struct_na_base_pair_step.j_symmetry_2 
_ndb_struct_na_base_pair_step.shift 
_ndb_struct_na_base_pair_step.slide 
_ndb_struct_na_base_pair_step.rise 
_ndb_struct_na_base_pair_step.tilt 
_ndb_struct_na_base_pair_step.roll 
_ndb_struct_na_base_pair_step.twist 
_ndb_struct_na_base_pair_step.x_displacement 
_ndb_struct_na_base_pair_step.y_displacement 
_ndb_struct_na_base_pair_step.helical_rise 
_ndb_struct_na_base_pair_step.inclination 
_ndb_struct_na_base_pair_step.tip 
_ndb_struct_na_base_pair_step.helical_twist 
_ndb_struct_na_base_pair_step.step_number 
_ndb_struct_na_base_pair_step.step_name 
_ndb_struct_na_base_pair_step.i_auth_asym_id_1 
_ndb_struct_na_base_pair_step.i_auth_seq_id_1 
_ndb_struct_na_base_pair_step.i_PDB_ins_code_1 
_ndb_struct_na_base_pair_step.j_auth_asym_id_1 
_ndb_struct_na_base_pair_step.j_auth_seq_id_1 
_ndb_struct_na_base_pair_step.j_PDB_ins_code_1 
_ndb_struct_na_base_pair_step.i_auth_asym_id_2 
_ndb_struct_na_base_pair_step.i_auth_seq_id_2 
_ndb_struct_na_base_pair_step.i_PDB_ins_code_2 
_ndb_struct_na_base_pair_step.j_auth_asym_id_2 
_ndb_struct_na_base_pair_step.j_auth_seq_id_2 
_ndb_struct_na_base_pair_step.j_PDB_ins_code_2 
1 A G 1  1_555 B C 12 1_555 A G 2  1_555 B C 11 1_555 0.730  -1.574 3.034 -0.897  5.808  29.716 -4.045 -1.558 2.662 11.188 1.729   
30.279 1  AA_G1G2:C24C25_BB   A 1  ? B 25 ? A 2  ? B 24 ? 
1 A G 2  1_555 B C 11 1_555 A C 3  1_555 B G 10 1_555 -0.261 -1.468 3.254 2.771   1.231  38.797 -2.350 0.723  3.183 1.850  -4.164  
38.911 2  AA_G2C3:G23C24_BB   A 2  ? B 24 ? A 3  ? B 23 ? 
1 A C 3  1_555 B G 10 1_555 A A 4  1_555 B U 9  1_555 0.584  -1.335 3.484 2.208   14.476 33.644 -4.103 -0.628 2.732 23.667 -3.610  
36.608 3  AA_C3A4:U22G23_BB   A 3  ? B 23 ? A 4  ? B 22 ? 
1 A A 4  1_555 B U 9  1_555 A G 5  1_555 B C 8  1_555 -0.498 -1.299 3.127 -0.707  9.586  30.488 -3.927 0.790  2.619 17.684 1.304   
31.933 4  AA_A4G5:C21U22_BB   A 4  ? B 22 ? A 5  ? B 21 ? 
1 A G 5  1_555 B C 8  1_555 A G 7  1_555 B C 7  1_555 -1.867 -1.279 5.388 21.207  16.254 52.172 -2.618 3.621  3.908 17.260 -22.519 
58.187 5  AA_G5G7:C20C21_BB   A 5  ? B 21 ? A 7  ? B 20 ? 
1 A G 7  1_555 B C 7  1_555 A U 8  1_555 B A 6  1_555 0.183  -0.989 3.142 -8.535  0.310  33.385 -1.716 -1.576 2.996 0.529  14.562  
34.430 6  AA_G7U8:A19C20_BB   A 7  ? B 20 ? A 8  ? B 19 ? 
1 A U 8  1_555 B A 6  1_555 A G 9  1_555 B C 5  1_555 -0.756 -1.497 2.566 2.285   4.167  28.398 -3.705 1.901  2.261 8.420  -4.617  
28.785 7  AA_U8G9:C18A19_BB   A 8  ? B 19 ? A 9  ? B 18 ? 
1 A G 9  1_555 B C 5  1_555 A C 10 1_555 B G 4  1_555 -0.231 -1.566 3.414 -4.766  3.440  37.230 -2.883 -0.277 3.265 5.347  7.408   
37.675 8  AA_G9C10:G17C18_BB  A 9  ? B 18 ? A 10 ? B 17 ? 
1 A C 10 1_555 B G 4  1_555 A C 11 1_555 B G 3  1_555 0.762  -1.779 3.134 4.623   4.286  29.166 -4.294 -0.576 2.932 8.387  -9.048  
29.826 9  AA_C10C11:G16G17_BB A 10 ? B 17 ? A 11 ? B 16 ? 
1 A C 11 1_555 B G 3  1_555 A G 12 1_555 B C 2  1_555 0.315  -1.124 3.794 9.608   33.575 22.778 -5.264 0.607  1.289 55.647 -15.924 
41.499 10 AA_C11G12:C15G16_BB A 11 ? B 16 ? A 12 ? B 15 ? 
1 A G 12 1_555 B C 2  1_555 A C 13 1_555 B G 1  1_555 0.182  -0.758 3.470 -13.045 2.907  30.010 -1.864 -2.663 3.047 5.296  23.766  
32.789 11 AA_G12C13:G14C15_BB A 12 ? B 15 ? A 13 ? B 14 ? 
# 
_pdbx_nmr_spectrometer.spectrometer_id   1 
_pdbx_nmr_spectrometer.type              ? 
_pdbx_nmr_spectrometer.manufacturer      Varian 
_pdbx_nmr_spectrometer.model             VXRS 
_pdbx_nmr_spectrometer.field_strength    500 
# 
_atom_sites.entry_id                    1K8S 
_atom_sites.fract_transf_matrix[1][1]   1.000000 
_atom_sites.fract_transf_matrix[1][2]   0.000000 
_atom_sites.fract_transf_matrix[1][3]   0.000000 
_atom_sites.fract_transf_matrix[2][1]   0.000000 
_atom_sites.fract_transf_matrix[2][2]   1.000000 
_atom_sites.fract_transf_matrix[2][3]   0.000000 
_atom_sites.fract_transf_matrix[3][1]   0.000000 
_atom_sites.fract_transf_matrix[3][2]   0.000000 
_atom_sites.fract_transf_matrix[3][3]   1.000000 
_atom_sites.fract_transf_vector[1]      0.00000 
_atom_sites.fract_transf_vector[2]      0.00000 
_atom_sites.fract_transf_vector[3]      0.00000 
# 
loop_
_atom_type.symbol 
C 
H 
N 
O 
P 
# 
loop_
_atom_site.group_PDB 
_atom_site.id 
_atom_site.type_symbol 
_atom_site.label_atom_id 
_atom_site.label_alt_id 
_atom_site.label_comp_id 
_atom_site.label_asym_id 
_atom_site.label_entity_id 
_atom_site.label_seq_id 
_atom_site.pdbx_PDB_ins_code 
_atom_site.Cartn_x 
_atom_site.Cartn_y 
_atom_site.Cartn_z 
_atom_site.occupancy 
_atom_site.B_iso_or_equiv 
_atom_site.pdbx_formal_charge 
_atom_site.auth_seq_id 
_atom_site.auth_comp_id 
_atom_site.auth_asym_id 
_atom_site.auth_atom_id 
_atom_site.pdbx_PDB_model_num 
ATOM 1   O "O5'"  . G A 1 1  ? 13.590  -3.497  -9.379  1.00 10.00 ? 1  G A "O5'"  1 
ATOM 2   C "C5'"  . G A 1 1  ? 14.743  -3.415  -8.558  1.00 10.00 ? 1  G A "C5'"  1 
ATOM 3   C "C4'"  . G A 1 1  ? 14.831  -4.691  -7.719  1.00 10.00 ? 1  G A "C4'"  1 
ATOM 4   O "O4'"  . G A 1 1  ? 15.946  -4.679  -6.817  1.00 10.00 ? 1  G A "O4'"  1 
ATOM 5   C "C3'"  . G A 1 1  ? 13.604  -4.807  -6.817  1.00 10.00 ? 1  G A "C3'"  1 
ATOM 6   O "O3'"  . G A 1 1  ? 12.497  -5.273  -7.571  1.00 10.00 ? 1  G A "O3'"  1 
ATOM 7   C "C2'"  . G A 1 1  ? 14.121  -5.725  -5.717  1.00 10.00 ? 1  G A "C2'"  1 
ATOM 8   O "O2'"  . G A 1 1  ? 14.077  -7.085  -6.105  1.00 10.00 ? 1  G A "O2'"  1 
ATOM 9   C "C1'"  . G A 1 1  ? 15.554  -5.234  -5.551  1.00 10.00 ? 1  G A "C1'"  1 
ATOM 10  N N9     . G A 1 1  ? 15.630  -4.265  -4.433  1.00 10.00 ? 1  G A N9     1 
ATOM 11  C C8     . G A 1 1  ? 15.528  -2.900  -4.438  1.00 10.00 ? 1  G A C8     1 
ATOM 12  N N7     . G A 1 1  ? 15.662  -2.340  -3.271  1.00 10.00 ? 1  G A N7     1 
ATOM 13  C C5     . G A 1 1  ? 15.846  -3.420  -2.405  1.00 10.00 ? 1  G A C5     1 
ATOM 14  C C6     . G A 1 1  ? 16.046  -3.479  -0.983  1.00 10.00 ? 1  G A C6     1 
ATOM 15  O O6     . G A 1 1  ? 16.111  -2.568  -0.162  1.00 10.00 ? 1  G A O6     1 
ATOM 16  N N1     . G A 1 1  ? 16.191  -4.768  -0.509  1.00 10.00 ? 1  G A N1     1 
ATOM 17  C C2     . G A 1 1  ? 16.153  -5.881  -1.294  1.00 10.00 ? 1  G A C2     1 
ATOM 18  N N2     . G A 1 1  ? 16.326  -7.039  -0.702  1.00 10.00 ? 1  G A N2     1 
ATOM 19  N N3     . G A 1 1  ? 15.976  -5.866  -2.616  1.00 10.00 ? 1  G A N3     1 
ATOM 20  C C4     . G A 1 1  ? 15.826  -4.603  -3.114  1.00 10.00 ? 1  G A C4     1 
ATOM 21  H "H5'"  . G A 1 1  ? 14.670  -2.547  -7.903  1.00 10.00 ? 1  G A "H5'"  1 
ATOM 22  H "H5''" . G A 1 1  ? 15.633  -3.323  -9.181  1.00 10.00 ? 1  G A "H5''" 1 
ATOM 23  H "H4'"  . G A 1 1  ? 14.853  -5.549  -8.422  1.00 10.00 ? 1  G A "H4'"  1 
ATOM 24  H "H3'"  . G A 1 1  ? 13.370  -3.855  -6.337  1.00 10.00 ? 1  G A "H3'"  1 
ATOM 25  H "H2'"  . G A 1 1  ? 13.559  -5.562  -4.802  1.00 10.00 ? 1  G A "H2'"  1 
ATOM 26  H "HO2'" . G A 1 1  ? 13.127  -7.296  -6.168  1.00 10.00 ? 1  G A "HO2'" 1 
ATOM 27  H "H1'"  . G A 1 1  ? 16.187  -6.061  -5.232  1.00 10.00 ? 1  G A "H1'"  1 
ATOM 28  H H8     . G A 1 1  ? 15.357  -2.340  -5.333  1.00 10.00 ? 1  G A H8     1 
ATOM 29  H H1     . G A 1 1  ? 16.340  -4.862  0.489   1.00 10.00 ? 1  G A H1     1 
ATOM 30  H H21    . G A 1 1  ? 16.485  -7.087  0.310   1.00 10.00 ? 1  G A H21    1 
ATOM 31  H H22    . G A 1 1  ? 16.308  -7.850  -1.290  1.00 10.00 ? 1  G A H22    1 
ATOM 32  H "HO5'" . G A 1 1  ? 12.931  -4.046  -8.911  1.00 10.00 ? 1  G A "HO5'" 1 
ATOM 33  P P      . G A 1 2  ? 11.065  -5.457  -6.886  1.00 10.00 ? 2  G A P      1 
ATOM 34  O OP1    . G A 1 2  ? 10.083  -5.787  -7.936  1.00 10.00 ? 2  G A OP1    1 
ATOM 35  O OP2    . G A 1 2  ? 10.861  -4.297  -5.995  1.00 10.00 ? 2  G A OP2    1 
ATOM 36  O "O5'"  . G A 1 2  ? 11.328  -6.762  -5.980  1.00 10.00 ? 2  G A "O5'"  1 
ATOM 37  C "C5'"  . G A 1 2  ? 10.586  -6.956  -4.792  1.00 10.00 ? 2  G A "C5'"  1 
ATOM 38  C "C4'"  . G A 1 2  ? 11.281  -7.959  -3.872  1.00 10.00 ? 2  G A "C4'"  1 
ATOM 39  O "O4'"  . G A 1 2  ? 12.563  -7.485  -3.456  1.00 10.00 ? 2  G A "O4'"  1 
ATOM 40  C "C3'"  . G A 1 2  ? 10.421  -8.177  -2.625  1.00 10.00 ? 2  G A "C3'"  1 
ATOM 41  O "O3'"  . G A 1 2  ? 9.745   -9.427  -2.670  1.00 10.00 ? 2  G A "O3'"  1 
ATOM 42  C "C2'"  . G A 1 2  ? 11.455  -8.190  -1.512  1.00 10.00 ? 2  G A "C2'"  1 
ATOM 43  O "O2'"  . G A 1 2  ? 11.862  -9.525  -1.303  1.00 10.00 ? 2  G A "O2'"  1 
ATOM 44  C "C1'"  . G A 1 2  ? 12.626  -7.403  -2.041  1.00 10.00 ? 2  G A "C1'"  1 
ATOM 45  N N9     . G A 1 2  ? 12.620  -6.005  -1.558  1.00 10.00 ? 2  G A N9     1 
ATOM 46  C C8     . G A 1 2  ? 12.439  -4.846  -2.261  1.00 10.00 ? 2  G A C8     1 
ATOM 47  N N7     . G A 1 2  ? 12.520  -3.765  -1.530  1.00 10.00 ? 2  G A N7     1 
ATOM 48  C C5     . G A 1 2  ? 12.801  -4.239  -0.241  1.00 10.00 ? 2  G A C5     1 
ATOM 49  C C6     . G A 1 2  ? 13.037  -3.566  1.013   1.00 10.00 ? 2  G A C6     1 
ATOM 50  O O6     . G A 1 2  ? 13.039  -2.366  1.283   1.00 10.00 ? 2  G A O6     1 
ATOM 51  N N1     . G A 1 2  ? 13.300  -4.436  2.055   1.00 10.00 ? 2  G A N1     1 
ATOM 52  C C2     . G A 1 2  ? 13.360  -5.789  1.925   1.00 10.00 ? 2  G A C2     1 
ATOM 53  N N2     . G A 1 2  ? 13.586  -6.499  3.005   1.00 10.00 ? 2  G A N2     1 
ATOM 54  N N3     . G A 1 2  ? 13.158  -6.444  0.783   1.00 10.00 ? 2  G A N3     1 
ATOM 55  C C4     . G A 1 2  ? 12.878  -5.615  -0.264  1.00 10.00 ? 2  G A C4     1 
ATOM 56  H "H5'"  . G A 1 2  ? 9.588   -7.318  -5.046  1.00 10.00 ? 2  G A "H5'"  1 
ATOM 57  H "H5''" . G A 1 2  ? 10.483  -6.011  -4.256  1.00 10.00 ? 2  G A "H5''" 1 
ATOM 58  H "H4'"  . G A 1 2  ? 11.403  -8.909  -4.393  1.00 10.00 ? 2  G A "H4'"  1 
ATOM 59  H "H3'"  . G A 1 2  ? 9.737   -7.338  -2.478  1.00 10.00 ? 2  G A "H3'"  1 
ATOM 60  H "H2'"  . G A 1 2  ? 11.082  -7.715  -0.616  1.00 10.00 ? 2  G A "H2'"  1 
ATOM 61  H "HO2'" . G A 1 2  ? 11.135  -10.029 -1.709  1.00 10.00 ? 2  G A "HO2'" 1 
ATOM 62  H "H1'"  . G A 1 2  ? 13.503  -7.883  -1.625  1.00 10.00 ? 2  G A "H1'"  1 
ATOM 63  H H8     . G A 1 2  ? 12.260  -4.858  -3.330  1.00 10.00 ? 2  G A H8     1 
ATOM 64  H H1     . G A 1 2  ? 13.452  -4.021  2.967   1.00 10.00 ? 2  G A H1     1 
ATOM 65  H H21    . G A 1 2  ? 13.669  -6.057  3.929   1.00 10.00 ? 2  G A H21    1 
ATOM 66  H H22    . G A 1 2  ? 13.635  -7.491  2.870   1.00 10.00 ? 2  G A H22    1 
ATOM 67  P P      . C A 1 3  ? 8.310   -9.613  -1.970  1.00 10.00 ? 3  C A P      1 
ATOM 68  O OP1    . C A 1 3  ? 7.846   -10.984 -2.268  1.00 10.00 ? 3  C A OP1    1 
ATOM 69  O OP2    . C A 1 3  ? 7.488   -8.442  -2.327  1.00 10.00 ? 3  C A OP2    1 
ATOM 70  O "O5'"  . C A 1 3  ? 8.688   -9.522  -0.408  1.00 10.00 ? 3  C A "O5'"  1 
ATOM 71  C "C5'"  . C A 1 3  ? 9.196   -10.641 0.300   1.00 10.00 ? 3  C A "C5'"  1 
ATOM 72  C "C4'"  . C A 1 3  ? 9.582   -10.270 1.737   1.00 10.00 ? 3  C A "C4'"  1 
ATOM 73  O "O4'"  . C A 1 3  ? 10.571  -9.238  1.795   1.00 10.00 ? 3  C A "O4'"  1 
ATOM 74  C "C3'"  . C A 1 3  ? 8.387   -9.811  2.573   1.00 10.00 ? 3  C A "C3'"  1 
ATOM 75  O "O3'"  . C A 1 3  ? 7.707   -10.886 3.209   1.00 10.00 ? 3  C A "O3'"  1 
ATOM 76  C "C2'"  . C A 1 3  ? 9.120   -9.000  3.631   1.00 10.00 ? 3  C A "C2'"  1 
ATOM 77  O "O2'"  . C A 1 3  ? 9.607   -9.890  4.618   1.00 10.00 ? 3  C A "O2'"  1 
ATOM 78  C "C1'"  . C A 1 3  ? 10.298  -8.389  2.909   1.00 10.00 ? 3  C A "C1'"  1 
ATOM 79  N N1     . C A 1 3  ? 10.056  -6.974  2.523   1.00 10.00 ? 3  C A N1     1 
ATOM 80  C C2     . C A 1 3  ? 10.311  -5.966  3.458   1.00 10.00 ? 3  C A C2     1 
ATOM 81  O O2     . C A 1 3  ? 10.638  -6.222  4.616   1.00 10.00 ? 3  C A O2     1 
ATOM 82  N N3     . C A 1 3  ? 10.195  -4.666  3.098   1.00 10.00 ? 3  C A N3     1 
ATOM 83  C C4     . C A 1 3  ? 9.771   -4.361  1.884   1.00 10.00 ? 3  C A C4     1 
ATOM 84  N N4     . C A 1 3  ? 9.729   -3.085  1.590   1.00 10.00 ? 3  C A N4     1 
ATOM 85  C C5     . C A 1 3  ? 9.444   -5.353  0.911   1.00 10.00 ? 3  C A C5     1 
ATOM 86  C C6     . C A 1 3  ? 9.619   -6.650  1.270   1.00 10.00 ? 3  C A C6     1 
ATOM 87  H "H5'"  . C A 1 3  ? 10.073  -11.036 -0.210  1.00 10.00 ? 3  C A "H5'"  1 
ATOM 88  H "H5''" . C A 1 3  ? 8.433   -11.421 0.329   1.00 10.00 ? 3  C A "H5''" 1 
ATOM 89  H "H4'"  . C A 1 3  ? 9.997   -11.155 2.219   1.00 10.00 ? 3  C A "H4'"  1 
ATOM 90  H "H3'"  . C A 1 3  ? 7.722   -9.178  1.982   1.00 10.00 ? 3  C A "H3'"  1 
ATOM 91  H "H2'"  . C A 1 3  ? 8.485   -8.237  4.056   1.00 10.00 ? 3  C A "H2'"  1 
ATOM 92  H "HO2'" . C A 1 3  ? 8.965   -10.616 4.591   1.00 10.00 ? 3  C A "HO2'" 1 
ATOM 93  H "H1'"  . C A 1 3  ? 11.108  -8.386  3.623   1.00 10.00 ? 3  C A "H1'"  1 
ATOM 94  H H41    . C A 1 3  ? 10.030  -2.452  2.337   1.00 10.00 ? 3  C A H41    1 
ATOM 95  H H42    . C A 1 3  ? 9.561   -2.770  0.654   1.00 10.00 ? 3  C A H42    1 
ATOM 96  H H5     . C A 1 3  ? 9.069   -5.107  -0.068  1.00 10.00 ? 3  C A H5     1 
ATOM 97  H H6     . C A 1 3  ? 9.445   -7.464  0.586   1.00 10.00 ? 3  C A H6     1 
ATOM 98  P P      . A A 1 4  ? 6.207   -10.705 3.769   1.00 10.00 ? 4  A A P      1 
ATOM 99  O OP1    . A A 1 4  ? 5.829   -11.975 4.422   1.00 10.00 ? 4  A A OP1    1 
ATOM 100 O OP2    . A A 1 4  ? 5.386   -10.149 2.676   1.00 10.00 ? 4  A A OP2    1 
ATOM 101 O "O5'"  . A A 1 4  ? 6.373   -9.575  4.908   1.00 10.00 ? 4  A A "O5'"  1 
ATOM 102 C "C5'"  . A A 1 4  ? 6.751   -9.905  6.236   1.00 10.00 ? 4  A A "C5'"  1 
ATOM 103 C "C4'"  . A A 1 4  ? 6.963   -8.654  7.099   1.00 10.00 ? 4  A A "C4'"  1 
ATOM 104 O "O4'"  . A A 1 4  ? 7.887   -7.744  6.507   1.00 10.00 ? 4  A A "O4'"  1 
ATOM 105 C "C3'"  . A A 1 4  ? 5.695   -7.829  7.277   1.00 10.00 ? 4  A A "C3'"  1 
ATOM 106 O "O3'"  . A A 1 4  ? 4.842   -8.385  8.266   1.00 10.00 ? 4  A A "O3'"  1 
ATOM 107 C "C2'"  . A A 1 4  ? 6.278   -6.508  7.747   1.00 10.00 ? 4  A A "C2'"  1 
ATOM 108 O "O2'"  . A A 1 4  ? 6.674   -6.622  9.102   1.00 10.00 ? 4  A A "O2'"  1 
ATOM 109 C "C1'"  . A A 1 4  ? 7.505   -6.414  6.855   1.00 10.00 ? 4  A A "C1'"  1 
ATOM 110 N N9     . A A 1 4  ? 7.255   -5.554  5.667   1.00 10.00 ? 4  A A N9     1 
ATOM 111 C C8     . A A 1 4  ? 7.077   -5.905  4.346   1.00 10.00 ? 4  A A C8     1 
ATOM 112 N N7     . A A 1 4  ? 7.003   -4.894  3.524   1.00 10.00 ? 4  A A N7     1 
ATOM 113 C C5     . A A 1 4  ? 7.109   -3.785  4.367   1.00 10.00 ? 4  A A C5     1 
ATOM 114 C C6     . A A 1 4  ? 7.158   -2.387  4.158   1.00 10.00 ? 4  A A C6     1 
ATOM 115 N N6     . A A 1 4  ? 7.178   -1.808  2.966   1.00 10.00 ? 4  A A N6     1 
ATOM 116 N N1     . A A 1 4  ? 7.256   -1.552  5.197   1.00 10.00 ? 4  A A N1     1 
ATOM 117 C C2     . A A 1 4  ? 7.318   -2.067  6.419   1.00 10.00 ? 4  A A C2     1 
ATOM 118 N N3     . A A 1 4  ? 7.329   -3.354  6.761   1.00 10.00 ? 4  A A N3     1 
ATOM 119 C C4     . A A 1 4  ? 7.222   -4.174  5.676   1.00 10.00 ? 4  A A C4     1 
ATOM 120 H "H5'"  . A A 1 4  ? 7.674   -10.483 6.224   1.00 10.00 ? 4  A A "H5'"  1 
ATOM 121 H "H5''" . A A 1 4  ? 5.969   -10.518 6.687   1.00 10.00 ? 4  A A "H5''" 1 
ATOM 122 H "H4'"  . A A 1 4  ? 7.316   -8.966  8.095   1.00 10.00 ? 4  A A "H4'"  1 
ATOM 123 H "H3'"  . A A 1 4  ? 5.239   -7.673  6.300   1.00 10.00 ? 4  A A "H3'"  1 
ATOM 124 H "H2'"  . A A 1 4  ? 5.585   -5.677  7.605   1.00 10.00 ? 4  A A "H2'"  1 
ATOM 125 H "HO2'" . A A 1 4  ? 5.993   -7.180  9.501   1.00 10.00 ? 4  A A "HO2'" 1 
ATOM 126 H "H1'"  . A A 1 4  ? 8.280   -5.967  7.454   1.00 10.00 ? 4  A A "H1'"  1 
ATOM 127 H H8     . A A 1 4  ? 7.037   -6.921  3.987   1.00 10.00 ? 4  A A H8     1 
ATOM 128 H H61    . A A 1 4  ? 7.370   -0.809  2.896   1.00 10.00 ? 4  A A H61    1 
ATOM 129 H H62    . A A 1 4  ? 7.198   -2.413  2.165   1.00 10.00 ? 4  A A H62    1 
ATOM 130 H H2     . A A 1 4  ? 7.383   -1.339  7.220   1.00 10.00 ? 4  A A H2     1 
ATOM 131 P P      . G A 1 5  ? 3.293   -7.975  8.367   1.00 10.00 ? 5  G A P      1 
ATOM 132 O OP1    . G A 1 5  ? 2.688   -8.789  9.441   1.00 10.00 ? 5  G A OP1    1 
ATOM 133 O OP2    . G A 1 5  ? 2.728   -7.990  7.004   1.00 10.00 ? 5  G A OP2    1 
ATOM 134 O "O5'"  . G A 1 5  ? 3.360   -6.446  8.864   1.00 10.00 ? 5  G A "O5'"  1 
ATOM 135 C "C5'"  . G A 1 5  ? 3.544   -6.106  10.229  1.00 10.00 ? 5  G A "C5'"  1 
ATOM 136 C "C4'"  . G A 1 5  ? 3.458   -4.588  10.413  1.00 10.00 ? 5  G A "C4'"  1 
ATOM 137 O "O4'"  . G A 1 5  ? 4.410   -3.902  9.615   1.00 10.00 ? 5  G A "O4'"  1 
ATOM 138 C "C3'"  . G A 1 5  ? 2.085   -4.054  10.027  1.00 10.00 ? 5  G A "C3'"  1 
ATOM 139 O "O3'"  . G A 1 5  ? 1.171   -4.219  11.105  1.00 10.00 ? 5  G A "O3'"  1 
ATOM 140 C "C2'"  . G A 1 5  ? 2.398   -2.605  9.663   1.00 10.00 ? 5  G A "C2'"  1 
ATOM 141 O "O2'"  . G A 1 5  ? 2.293   -1.736  10.777  1.00 10.00 ? 5  G A "O2'"  1 
ATOM 142 C "C1'"  . G A 1 5  ? 3.854   -2.660  9.207   1.00 10.00 ? 5  G A "C1'"  1 
ATOM 143 N N9     . G A 1 5  ? 3.940   -2.507  7.739   1.00 10.00 ? 5  G A N9     1 
ATOM 144 C C8     . G A 1 5  ? 3.832   -3.470  6.770   1.00 10.00 ? 5  G A C8     1 
ATOM 145 N N7     . G A 1 5  ? 3.872   -3.007  5.550   1.00 10.00 ? 5  G A N7     1 
ATOM 146 C C5     . G A 1 5  ? 4.019   -1.627  5.719   1.00 10.00 ? 5  G A C5     1 
ATOM 147 C C6     . G A 1 5  ? 4.121   -0.554  4.766   1.00 10.00 ? 5  G A C6     1 
ATOM 148 O O6     . G A 1 5  ? 4.070   -0.577  3.537   1.00 10.00 ? 5  G A O6     1 
ATOM 149 N N1     . G A 1 5  ? 4.289   0.683   5.358   1.00 10.00 ? 5  G A N1     1 
ATOM 150 C C2     . G A 1 5  ? 4.298   0.895   6.701   1.00 10.00 ? 5  G A C2     1 
ATOM 151 N N2     . G A 1 5  ? 4.341   2.147   7.096   1.00 10.00 ? 5  G A N2     1 
ATOM 152 N N3     . G A 1 5  ? 4.192   -0.070  7.618   1.00 10.00 ? 5  G A N3     1 
ATOM 153 C C4     . G A 1 5  ? 4.067   -1.315  7.063   1.00 10.00 ? 5  G A C4     1 
ATOM 154 H "H5'"  . G A 1 5  ? 4.512   -6.458  10.579  1.00 10.00 ? 5  G A "H5'"  1 
ATOM 155 H "H5''" . G A 1 5  ? 2.762   -6.578  10.828  1.00 10.00 ? 5  G A "H5''" 1 
ATOM 156 H "H4'"  . G A 1 5  ? 3.632   -4.336  11.460  1.00 10.00 ? 5  G A "H4'"  1 
ATOM 157 H "H3'"  . G A 1 5  ? 1.740   -4.560  9.128   1.00 10.00 ? 5  G A "H3'"  1 
ATOM 158 H "H2'"  . G A 1 5  ? 1.748   -2.282  8.850   1.00 10.00 ? 5  G A "H2'"  1 
ATOM 159 H "HO2'" . G A 1 5  ? 1.358   -1.781  11.070  1.00 10.00 ? 5  G A "HO2'" 1 
ATOM 160 H "H1'"  . G A 1 5  ? 4.383   -1.837  9.679   1.00 10.00 ? 5  G A "H1'"  1 
ATOM 161 H H8     . G A 1 5  ? 3.719   -4.518  7.013   1.00 10.00 ? 5  G A H8     1 
ATOM 162 H H1     . G A 1 5  ? 4.346   1.479   4.733   1.00 10.00 ? 5  G A H1     1 
ATOM 163 H H21    . G A 1 5  ? 4.383   2.923   6.424   1.00 10.00 ? 5  G A H21    1 
ATOM 164 H H22    . G A 1 5  ? 4.341   2.290   8.087   1.00 10.00 ? 5  G A H22    1 
ATOM 165 P P      . A A 1 6  ? -0.373  -3.812  10.970  1.00 10.00 ? 6  A A P      1 
ATOM 166 O OP1    . A A 1 6  ? -1.123  -4.389  12.104  1.00 10.00 ? 6  A A OP1    1 
ATOM 167 O OP2    . A A 1 6  ? -0.799  -4.067  9.579   1.00 10.00 ? 6  A A OP2    1 
ATOM 168 O "O5'"  . A A 1 6  ? -0.299  -2.216  11.180  1.00 10.00 ? 6  A A "O5'"  1 
ATOM 169 C "C5'"  . A A 1 6  ? -1.327  -1.399  10.653  1.00 10.00 ? 6  A A "C5'"  1 
ATOM 170 C "C4'"  . A A 1 6  ? -1.043  0.088   10.880  1.00 10.00 ? 6  A A "C4'"  1 
ATOM 171 O "O4'"  . A A 1 6  ? 0.209   0.478   10.333  1.00 10.00 ? 6  A A "O4'"  1 
ATOM 172 C "C3'"  . A A 1 6  ? -2.132  0.930   10.214  1.00 10.00 ? 6  A A "C3'"  1 
ATOM 173 O "O3'"  . A A 1 6  ? -3.167  1.167   11.158  1.00 10.00 ? 6  A A "O3'"  1 
ATOM 174 C "C2'"  . A A 1 6  ? -1.354  2.177   9.782   1.00 10.00 ? 6  A A "C2'"  1 
ATOM 175 O "O2'"  . A A 1 6  ? -1.405  3.191   10.769  1.00 10.00 ? 6  A A "O2'"  1 
ATOM 176 C "C1'"  . A A 1 6  ? 0.082   1.687   9.600   1.00 10.00 ? 6  A A "C1'"  1 
ATOM 177 N N9     . A A 1 6  ? 0.372   1.381   8.173   1.00 10.00 ? 6  A A N9     1 
ATOM 178 C C8     . A A 1 6  ? 0.300   0.151   7.566   1.00 10.00 ? 6  A A C8     1 
ATOM 179 N N7     . A A 1 6  ? 0.667   0.130   6.318   1.00 10.00 ? 6  A A N7     1 
ATOM 180 C C5     . A A 1 6  ? 0.972   1.467   6.065   1.00 10.00 ? 6  A A C5     1 
ATOM 181 C C6     . A A 1 6  ? 1.427   2.158   4.924   1.00 10.00 ? 6  A A C6     1 
ATOM 182 N N6     . A A 1 6  ? 1.734   1.585   3.777   1.00 10.00 ? 6  A A N6     1 
ATOM 183 N N1     . A A 1 6  ? 1.623   3.474   4.952   1.00 10.00 ? 6  A A N1     1 
ATOM 184 C C2     . A A 1 6  ? 1.424   4.109   6.098   1.00 10.00 ? 6  A A C2     1 
ATOM 185 N N3     . A A 1 6  ? 1.011   3.596   7.262   1.00 10.00 ? 6  A A N3     1 
ATOM 186 C C4     . A A 1 6  ? 0.791   2.247   7.180   1.00 10.00 ? 6  A A C4     1 
ATOM 187 H "H5'"  . A A 1 6  ? -2.273  -1.658  11.134  1.00 10.00 ? 6  A A "H5'"  1 
ATOM 188 H "H5''" . A A 1 6  ? -1.423  -1.587  9.584   1.00 10.00 ? 6  A A "H5''" 1 
ATOM 189 H "H4'"  . A A 1 6  ? -1.040  0.301   11.949  1.00 10.00 ? 6  A A "H4'"  1 
ATOM 190 H "H3'"  . A A 1 6  ? -2.529  0.435   9.319   1.00 10.00 ? 6  A A "H3'"  1 
ATOM 191 H "H2'"  . A A 1 6  ? -1.744  2.550   8.838   1.00 10.00 ? 6  A A "H2'"  1 
ATOM 192 H "HO2'" . A A 1 6  ? -2.352  3.402   10.868  1.00 10.00 ? 6  A A "HO2'" 1 
ATOM 193 H "H1'"  . A A 1 6  ? 0.781   2.429   9.995   1.00 10.00 ? 6  A A "H1'"  1 
ATOM 194 H H8     . A A 1 6  ? -0.030  -0.730  8.094   1.00 10.00 ? 6  A A H8     1 
ATOM 195 H H61    . A A 1 6  ? 2.095   2.184   3.054   1.00 10.00 ? 6  A A H61    1 
ATOM 196 H H62    . A A 1 6  ? 1.667   0.584   3.685   1.00 10.00 ? 6  A A H62    1 
ATOM 197 H H2     . A A 1 6  ? 1.646   5.172   6.048   1.00 10.00 ? 6  A A H2     1 
ATOM 198 P P      . G A 1 7  ? -4.576  1.776   10.717  1.00 10.00 ? 7  G A P      1 
ATOM 199 O OP1    . G A 1 7  ? -5.498  1.744   11.870  1.00 10.00 ? 7  G A OP1    1 
ATOM 200 O OP2    . G A 1 7  ? -4.951  1.155   9.431   1.00 10.00 ? 7  G A OP2    1 
ATOM 201 O "O5'"  . G A 1 7  ? -4.160  3.305   10.444  1.00 10.00 ? 7  G A "O5'"  1 
ATOM 202 C "C5'"  . G A 1 7  ? -4.868  4.061   9.480   1.00 10.00 ? 7  G A "C5'"  1 
ATOM 203 C "C4'"  . G A 1 7  ? -4.064  5.288   9.057   1.00 10.00 ? 7  G A "C4'"  1 
ATOM 204 O "O4'"  . G A 1 7  ? -2.752  4.922   8.632   1.00 10.00 ? 7  G A "O4'"  1 
ATOM 205 C "C3'"  . G A 1 7  ? -4.744  5.968   7.864   1.00 10.00 ? 7  G A "C3'"  1 
ATOM 206 O "O3'"  . G A 1 7  ? -5.608  7.033   8.224   1.00 10.00 ? 7  G A "O3'"  1 
ATOM 207 C "C2'"  . G A 1 7  ? -3.541  6.539   7.134   1.00 10.00 ? 7  G A "C2'"  1 
ATOM 208 O "O2'"  . G A 1 7  ? -3.136  7.729   7.786   1.00 10.00 ? 7  G A "O2'"  1 
ATOM 209 C "C1'"  . G A 1 7  ? -2.509  5.450   7.339   1.00 10.00 ? 7  G A "C1'"  1 
ATOM 210 N N9     . G A 1 7  ? -2.488  4.377   6.323   1.00 10.00 ? 7  G A N9     1 
ATOM 211 C C8     . G A 1 7  ? -2.862  3.058   6.415   1.00 10.00 ? 7  G A C8     1 
ATOM 212 N N7     . G A 1 7  ? -2.501  2.337   5.386   1.00 10.00 ? 7  G A N7     1 
ATOM 213 C C5     . G A 1 7  ? -1.841  3.239   4.543   1.00 10.00 ? 7  G A C5     1 
ATOM 214 C C6     . G A 1 7  ? -1.199  3.084   3.261   1.00 10.00 ? 7  G A C6     1 
ATOM 215 O O6     . G A 1 7  ? -1.037  2.081   2.567   1.00 10.00 ? 7  G A O6     1 
ATOM 216 N N1     . G A 1 7  ? -0.685  4.269   2.765   1.00 10.00 ? 7  G A N1     1 
ATOM 217 C C2     . G A 1 7  ? -0.706  5.452   3.439   1.00 10.00 ? 7  G A C2     1 
ATOM 218 N N2     . G A 1 7  ? -0.162  6.496   2.863   1.00 10.00 ? 7  G A N2     1 
ATOM 219 N N3     . G A 1 7  ? -1.274  5.632   4.629   1.00 10.00 ? 7  G A N3     1 
ATOM 220 C C4     . G A 1 7  ? -1.834  4.490   5.124   1.00 10.00 ? 7  G A C4     1 
ATOM 221 H "H5'"  . G A 1 7  ? -5.831  4.370   9.887   1.00 10.00 ? 7  G A "H5'"  1 
ATOM 222 H "H5''" . G A 1 7  ? -5.049  3.448   8.596   1.00 10.00 ? 7  G A "H5''" 1 
ATOM 223 H "H4'"  . G A 1 7  ? -3.990  5.990   9.888   1.00 10.00 ? 7  G A "H4'"  1 
ATOM 224 H "H3'"  . G A 1 7  ? -5.236  5.207   7.252   1.00 10.00 ? 7  G A "H3'"  1 
ATOM 225 H "H2'"  . G A 1 7  ? -3.722  6.738   6.088   1.00 10.00 ? 7  G A "H2'"  1 
ATOM 226 H "HO2'" . G A 1 7  ? -3.958  8.075   8.164   1.00 10.00 ? 7  G A "HO2'" 1 
ATOM 227 H "H1'"  . G A 1 7  ? -1.556  5.943   7.242   1.00 10.00 ? 7  G A "H1'"  1 
ATOM 228 H H8     . G A 1 7  ? -3.383  2.647   7.275   1.00 10.00 ? 7  G A H8     1 
ATOM 229 H H1     . G A 1 7  ? -0.170  4.210   1.894   1.00 10.00 ? 7  G A H1     1 
ATOM 230 H H21    . G A 1 7  ? 0.281   6.420   1.941   1.00 10.00 ? 7  G A H21    1 
ATOM 231 H H22    . G A 1 7  ? -0.191  7.352   3.382   1.00 10.00 ? 7  G A H22    1 
ATOM 232 P P      . U A 1 8  ? -6.818  7.458   7.254   1.00 10.00 ? 8  U A P      1 
ATOM 233 O OP1    . U A 1 8  ? -7.473  8.639   7.854   1.00 10.00 ? 8  U A OP1    1 
ATOM 234 O OP2    . U A 1 8  ? -7.593  6.236   6.965   1.00 10.00 ? 8  U A OP2    1 
ATOM 235 O "O5'"  . U A 1 8  ? -6.069  7.915   5.899   1.00 10.00 ? 8  U A "O5'"  1 
ATOM 236 C "C5'"  . U A 1 8  ? -5.548  9.226   5.740   1.00 10.00 ? 8  U A "C5'"  1 
ATOM 237 C "C4'"  . U A 1 8  ? -4.853  9.402   4.381   1.00 10.00 ? 8  U A "C4'"  1 
ATOM 238 O "O4'"  . U A 1 8  ? -3.757  8.497   4.226   1.00 10.00 ? 8  U A "O4'"  1 
ATOM 239 C "C3'"  . U A 1 8  ? -5.769  9.169   3.183   1.00 10.00 ? 8  U A "C3'"  1 
ATOM 240 O "O3'"  . U A 1 8  ? -6.612  10.262  2.843   1.00 10.00 ? 8  U A "O3'"  1 
ATOM 241 C "C2'"  . U A 1 8  ? -4.714  8.911   2.115   1.00 10.00 ? 8  U A "C2'"  1 
ATOM 242 O "O2'"  . U A 1 8  ? -4.042  10.064  1.628   1.00 10.00 ? 8  U A "O2'"  1 
ATOM 243 C "C1'"  . U A 1 8  ? -3.684  8.094   2.858   1.00 10.00 ? 8  U A "C1'"  1 
ATOM 244 N N1     . U A 1 8  ? -3.889  6.646   2.617   1.00 10.00 ? 8  U A N1     1 
ATOM 245 C C2     . U A 1 8  ? -3.409  6.116   1.420   1.00 10.00 ? 8  U A C2     1 
ATOM 246 O O2     . U A 1 8  ? -2.842  6.790   0.563   1.00 10.00 ? 8  U A O2     1 
ATOM 247 N N3     . U A 1 8  ? -3.578  4.762   1.235   1.00 10.00 ? 8  U A N3     1 
ATOM 248 C C4     . U A 1 8  ? -4.106  3.876   2.142   1.00 10.00 ? 8  U A C4     1 
ATOM 249 O O4     . U A 1 8  ? -4.113  2.681   1.870   1.00 10.00 ? 8  U A O4     1 
ATOM 250 C C5     . U A 1 8  ? -4.541  4.495   3.383   1.00 10.00 ? 8  U A C5     1 
ATOM 251 C C6     . U A 1 8  ? -4.438  5.836   3.573   1.00 10.00 ? 8  U A C6     1 
ATOM 252 H "H5'"  . U A 1 8  ? -4.829  9.433   6.532   1.00 10.00 ? 8  U A "H5'"  1 
ATOM 253 H "H5''" . U A 1 8  ? -6.364  9.946   5.812   1.00 10.00 ? 8  U A "H5''" 1 
ATOM 254 H "H4'"  . U A 1 8  ? -4.472  10.421  4.308   1.00 10.00 ? 8  U A "H4'"  1 
ATOM 255 H "H3'"  . U A 1 8  ? -6.345  8.255   3.353   1.00 10.00 ? 8  U A "H3'"  1 
ATOM 256 H "H2'"  . U A 1 8  ? -5.137  8.343   1.305   1.00 10.00 ? 8  U A "H2'"  1 
ATOM 257 H "HO2'" . U A 1 8  ? -4.161  10.070  0.659   1.00 10.00 ? 8  U A "HO2'" 1 
ATOM 258 H "H1'"  . U A 1 8  ? -2.730  8.340   2.423   1.00 10.00 ? 8  U A "H1'"  1 
ATOM 259 H H3     . U A 1 8  ? -3.162  4.361   0.403   1.00 10.00 ? 8  U A H3     1 
ATOM 260 H H5     . U A 1 8  ? -4.900  3.873   4.189   1.00 10.00 ? 8  U A H5     1 
ATOM 261 H H6     . U A 1 8  ? -4.731  6.312   4.491   1.00 10.00 ? 8  U A H6     1 
ATOM 262 P P      . G A 1 9  ? -7.711  10.134  1.665   1.00 10.00 ? 9  G A P      1 
ATOM 263 O OP1    . G A 1 9  ? -8.508  11.379  1.650   1.00 10.00 ? 9  G A OP1    1 
ATOM 264 O OP2    . G A 1 9  ? -8.378  8.826   1.817   1.00 10.00 ? 9  G A OP2    1 
ATOM 265 O "O5'"  . G A 1 9  ? -6.854  10.073  0.295   1.00 10.00 ? 9  G A "O5'"  1 
ATOM 266 C "C5'"  . G A 1 9  ? -6.251  11.228  -0.256  1.00 10.00 ? 9  G A "C5'"  1 
ATOM 267 C "C4'"  . G A 1 9  ? -5.276  10.860  -1.385  1.00 10.00 ? 9  G A "C4'"  1 
ATOM 268 O "O4'"  . G A 1 9  ? -4.380  9.803   -1.023  1.00 10.00 ? 9  G A "O4'"  1 
ATOM 269 C "C3'"  . G A 1 9  ? -5.952  10.448  -2.695  1.00 10.00 ? 9  G A "C3'"  1 
ATOM 270 O "O3'"  . G A 1 9  ? -6.236  11.560  -3.528  1.00 10.00 ? 9  G A "O3'"  1 
ATOM 271 C "C2'"  . G A 1 9  ? -4.819  9.651   -3.333  1.00 10.00 ? 9  G A "C2'"  1 
ATOM 272 O "O2'"  . G A 1 9  ? -3.878  10.558  -3.877  1.00 10.00 ? 9  G A "O2'"  1 
ATOM 273 C "C1'"  . G A 1 9  ? -4.202  8.936   -2.149  1.00 10.00 ? 9  G A "C1'"  1 
ATOM 274 N N9     . G A 1 9  ? -4.767  7.587   -1.912  1.00 10.00 ? 9  G A N9     1 
ATOM 275 C C8     . G A 1 9  ? -5.636  7.172   -0.938  1.00 10.00 ? 9  G A C8     1 
ATOM 276 N N7     . G A 1 9  ? -5.796  5.880   -0.864  1.00 10.00 ? 9  G A N7     1 
ATOM 277 C C5     . G A 1 9  ? -4.981  5.391   -1.886  1.00 10.00 ? 9  G A C5     1 
ATOM 278 C C6     . G A 1 9  ? -4.706  4.049   -2.320  1.00 10.00 ? 9  G A C6     1 
ATOM 279 O O6     . G A 1 9  ? -5.066  2.977   -1.838  1.00 10.00 ? 9  G A O6     1 
ATOM 280 N N1     . G A 1 9  ? -3.927  4.002   -3.460  1.00 10.00 ? 9  G A N1     1 
ATOM 281 C C2     . G A 1 9  ? -3.400  5.095   -4.074  1.00 10.00 ? 9  G A C2     1 
ATOM 282 N N2     . G A 1 9  ? -2.761  4.891   -5.203  1.00 10.00 ? 9  G A N2     1 
ATOM 283 N N3     . G A 1 9  ? -3.565  6.350   -3.652  1.00 10.00 ? 9  G A N3     1 
ATOM 284 C C4     . G A 1 9  ? -4.380  6.436   -2.557  1.00 10.00 ? 9  G A C4     1 
ATOM 285 H "H5'"  . G A 1 9  ? -5.702  11.753  0.528   1.00 10.00 ? 9  G A "H5'"  1 
ATOM 286 H "H5''" . G A 1 9  ? -7.024  11.897  -0.640  1.00 10.00 ? 9  G A "H5''" 1 
ATOM 287 H "H4'"  . G A 1 9  ? -4.676  11.743  -1.605  1.00 10.00 ? 9  G A "H4'"  1 
ATOM 288 H "H3'"  . G A 1 9  ? -6.824  9.821   -2.499  1.00 10.00 ? 9  G A "H3'"  1 
ATOM 289 H "H2'"  . G A 1 9  ? -5.157  8.964   -4.097  1.00 10.00 ? 9  G A "H2'"  1 
ATOM 290 H "HO2'" . G A 1 9  ? -4.419  11.324  -4.124  1.00 10.00 ? 9  G A "HO2'" 1 
ATOM 291 H "H1'"  . G A 1 9  ? -3.163  8.781   -2.403  1.00 10.00 ? 9  G A "H1'"  1 
ATOM 292 H H8     . G A 1 9  ? -6.101  7.863   -0.259  1.00 10.00 ? 9  G A H8     1 
ATOM 293 H H1     . G A 1 9  ? -3.764  3.078   -3.841  1.00 10.00 ? 9  G A H1     1 
ATOM 294 H H21    . G A 1 9  ? -2.725  3.949   -5.613  1.00 10.00 ? 9  G A H21    1 
ATOM 295 H H22    . G A 1 9  ? -2.394  5.704   -5.657  1.00 10.00 ? 9  G A H22    1 
ATOM 296 P P      . C A 1 10 ? -7.349  11.459  -4.682  1.00 10.00 ? 10 C A P      1 
ATOM 297 O OP1    . C A 1 10 ? -7.312  12.729  -5.434  1.00 10.00 ? 10 C A OP1    1 
ATOM 298 O OP2    . C A 1 10 ? -8.598  10.993  -4.051  1.00 10.00 ? 10 C A OP2    1 
ATOM 299 O "O5'"  . C A 1 10 ? -6.789  10.278  -5.629  1.00 10.00 ? 10 C A "O5'"  1 
ATOM 300 C "C5'"  . C A 1 10 ? -5.840  10.525  -6.655  1.00 10.00 ? 10 C A "C5'"  1 
ATOM 301 C "C4'"  . C A 1 10 ? -5.546  9.249   -7.456  1.00 10.00 ? 10 C A "C4'"  1 
ATOM 302 O "O4'"  . C A 1 10 ? -4.980  8.216   -6.655  1.00 10.00 ? 10 C A "O4'"  1 
ATOM 303 C "C3'"  . C A 1 10 ? -6.804  8.687   -8.116  1.00 10.00 ? 10 C A "C3'"  1 
ATOM 304 O "O3'"  . C A 1 10 ? -6.994  9.242   -9.413  1.00 10.00 ? 10 C A "O3'"  1 
ATOM 305 C "C2'"  . C A 1 10 ? -6.442  7.210   -8.234  1.00 10.00 ? 10 C A "C2'"  1 
ATOM 306 O "O2'"  . C A 1 10 ? -5.765  7.043   -9.464  1.00 10.00 ? 10 C A "O2'"  1 
ATOM 307 C "C1'"  . C A 1 10 ? -5.423  6.947   -7.133  1.00 10.00 ? 10 C A "C1'"  1 
ATOM 308 N N1     . C A 1 10 ? -6.053  6.129   -6.069  1.00 10.00 ? 10 C A N1     1 
ATOM 309 C C2     . C A 1 10 ? -6.123  4.741   -6.235  1.00 10.00 ? 10 C A C2     1 
ATOM 310 O O2     . C A 1 10 ? -5.628  4.175   -7.208  1.00 10.00 ? 10 C A O2     1 
ATOM 311 N N3     . C A 1 10 ? -6.750  3.980   -5.304  1.00 10.00 ? 10 C A N3     1 
ATOM 312 C C4     . C A 1 10 ? -7.317  4.563   -4.261  1.00 10.00 ? 10 C A C4     1 
ATOM 313 N N4     . C A 1 10 ? -7.811  3.762   -3.350  1.00 10.00 ? 10 C A N4     1 
ATOM 314 C C5     . C A 1 10 ? -7.296  5.978   -4.066  1.00 10.00 ? 10 C A C5     1 
ATOM 315 C C6     . C A 1 10 ? -6.640  6.724   -4.985  1.00 10.00 ? 10 C A C6     1 
ATOM 316 H "H5'"  . C A 1 10 ? -4.913  10.900  -6.226  1.00 10.00 ? 10 C A "H5'"  1 
ATOM 317 H "H5''" . C A 1 10 ? -6.241  11.278  -7.336  1.00 10.00 ? 10 C A "H5''" 1 
ATOM 318 H "H4'"  . C A 1 10 ? -4.836  9.488   -8.247  1.00 10.00 ? 10 C A "H4'"  1 
ATOM 319 H "H3'"  . C A 1 10 ? -7.674  8.821   -7.468  1.00 10.00 ? 10 C A "H3'"  1 
ATOM 320 H "H2'"  . C A 1 10 ? -7.342  6.584   -8.139  1.00 10.00 ? 10 C A "H2'"  1 
ATOM 321 H "HO2'" . C A 1 10 ? -6.088  7.801   -9.980  1.00 10.00 ? 10 C A "HO2'" 1 
ATOM 322 H "H1'"  . C A 1 10 ? -4.587  6.392   -7.567  1.00 10.00 ? 10 C A "H1'"  1 
ATOM 323 H H41    . C A 1 10 ? -7.665  2.759   -3.498  1.00 10.00 ? 10 C A H41    1 
ATOM 324 H H42    . C A 1 10 ? -8.116  4.122   -2.467  1.00 10.00 ? 10 C A H42    1 
ATOM 325 H H5     . C A 1 10 ? -7.745  6.461   -3.216  1.00 10.00 ? 10 C A H5     1 
ATOM 326 H H6     . C A 1 10 ? -6.539  7.798   -4.878  1.00 10.00 ? 10 C A H6     1 
ATOM 327 P P      . C A 1 11 ? -8.455  9.296   -10.086 1.00 10.00 ? 11 C A P      1 
ATOM 328 O OP1    . C A 1 11 ? -8.288  9.822   -11.457 1.00 10.00 ? 11 C A OP1    1 
ATOM 329 O OP2    . C A 1 11 ? -9.372  9.949   -9.134  1.00 10.00 ? 11 C A OP2    1 
ATOM 330 O "O5'"  . C A 1 11 ? -8.826  7.735   -10.175 1.00 10.00 ? 11 C A "O5'"  1 
ATOM 331 C "C5'"  . C A 1 11 ? -8.396  6.935   -11.263 1.00 10.00 ? 11 C A "C5'"  1 
ATOM 332 C "C4'"  . C A 1 11 ? -8.690  5.452   -11.012 1.00 10.00 ? 11 C A "C4'"  1 
ATOM 333 O "O4'"  . C A 1 11 ? -8.083  4.946   -9.830  1.00 10.00 ? 11 C A "O4'"  1 
ATOM 334 C "C3'"  . C A 1 11 ? -10.168 5.173   -10.809 1.00 10.00 ? 11 C A "C3'"  1 
ATOM 335 O "O3'"  . C A 1 11 ? -10.919 5.328   -11.998 1.00 10.00 ? 11 C A "O3'"  1 
ATOM 336 C "C2'"  . C A 1 11 ? -10.084 3.746   -10.257 1.00 10.00 ? 11 C A "C2'"  1 
ATOM 337 O "O2'"  . C A 1 11 ? -9.955  2.737   -11.243 1.00 10.00 ? 11 C A "O2'"  1 
ATOM 338 C "C1'"  . C A 1 11 ? -8.774  3.759   -9.466  1.00 10.00 ? 11 C A "C1'"  1 
ATOM 339 N N1     . C A 1 11 ? -9.089  3.638   -8.023  1.00 10.00 ? 11 C A N1     1 
ATOM 340 C C2     . C A 1 11 ? -9.308  2.358   -7.498  1.00 10.00 ? 11 C A C2     1 
ATOM 341 O O2     . C A 1 11 ? -9.049  1.336   -8.132  1.00 10.00 ? 11 C A O2     1 
ATOM 342 N N3     . C A 1 11 ? -9.871  2.213   -6.276  1.00 10.00 ? 11 C A N3     1 
ATOM 343 C C4     . C A 1 11 ? -10.330 3.280   -5.646  1.00 10.00 ? 11 C A C4     1 
ATOM 344 N N4     . C A 1 11 ? -10.871 3.075   -4.470  1.00 10.00 ? 11 C A N4     1 
ATOM 345 C C5     . C A 1 11 ? -10.234 4.592   -6.197  1.00 10.00 ? 11 C A C5     1 
ATOM 346 C C6     . C A 1 11 ? -9.540  4.736   -7.346  1.00 10.00 ? 11 C A C6     1 
ATOM 347 H "H5'"  . C A 1 11 ? -7.329  7.060   -11.430 1.00 10.00 ? 11 C A "H5'"  1 
ATOM 348 H "H5''" . C A 1 11 ? -8.922  7.254   -12.165 1.00 10.00 ? 11 C A "H5''" 1 
ATOM 349 H "H4'"  . C A 1 11 ? -8.349  4.873   -11.871 1.00 10.00 ? 11 C A "H4'"  1 
ATOM 350 H "H3'"  . C A 1 11 ? -10.542 5.842   -10.031 1.00 10.00 ? 11 C A "H3'"  1 
ATOM 351 H "H2'"  . C A 1 11 ? -10.934 3.553   -9.606  1.00 10.00 ? 11 C A "H2'"  1 
ATOM 352 H "HO2'" . C A 1 11 ? -10.823 2.299   -11.323 1.00 10.00 ? 11 C A "HO2'" 1 
ATOM 353 H "H1'"  . C A 1 11 ? -8.176  2.905   -9.751  1.00 10.00 ? 11 C A "H1'"  1 
ATOM 354 H H41    . C A 1 11 ? -10.860 2.115   -4.122  1.00 10.00 ? 11 C A H41    1 
ATOM 355 H H42    . C A 1 11 ? -11.301 3.821   -3.964  1.00 10.00 ? 11 C A H42    1 
ATOM 356 H H5     . C A 1 11 ? -10.691 5.456   -5.765  1.00 10.00 ? 11 C A H5     1 
ATOM 357 H H6     . C A 1 11 ? -9.380  5.713   -7.773  1.00 10.00 ? 11 C A H6     1 
ATOM 358 P P      . G A 1 12 ? -12.520 5.420   -11.962 1.00 10.00 ? 12 G A P      1 
ATOM 359 O OP1    . G A 1 12 ? -12.988 5.927   -13.269 1.00 10.00 ? 12 G A OP1    1 
ATOM 360 O OP2    . G A 1 12 ? -12.929 6.080   -10.705 1.00 10.00 ? 12 G A OP2    1 
ATOM 361 O "O5'"  . G A 1 12 ? -12.931 3.881   -11.839 1.00 10.00 ? 12 G A "O5'"  1 
ATOM 362 C "C5'"  . G A 1 12 ? -12.691 2.969   -12.894 1.00 10.00 ? 12 G A "C5'"  1 
ATOM 363 C "C4'"  . G A 1 12 ? -12.933 1.560   -12.353 1.00 10.00 ? 12 G A "C4'"  1 
ATOM 364 O "O4'"  . G A 1 12 ? -12.251 1.355   -11.120 1.00 10.00 ? 12 G A "O4'"  1 
ATOM 365 C "C3'"  . G A 1 12 ? -14.417 1.335   -12.094 1.00 10.00 ? 12 G A "C3'"  1 
ATOM 366 O "O3'"  . G A 1 12 ? -15.050 0.769   -13.237 1.00 10.00 ? 12 G A "O3'"  1 
ATOM 367 C "C2'"  . G A 1 12 ? -14.410 0.338   -10.951 1.00 10.00 ? 12 G A "C2'"  1 
ATOM 368 O "O2'"  . G A 1 12 ? -14.376 -0.953  -11.524 1.00 10.00 ? 12 G A "O2'"  1 
ATOM 369 C "C1'"  . G A 1 12 ? -13.095 0.617   -10.245 1.00 10.00 ? 12 G A "C1'"  1 
ATOM 370 N N9     . G A 1 12 ? -13.235 1.245   -8.913  1.00 10.00 ? 12 G A N9     1 
ATOM 371 C C8     . G A 1 12 ? -13.097 2.553   -8.537  1.00 10.00 ? 12 G A C8     1 
ATOM 372 N N7     . G A 1 12 ? -13.107 2.745   -7.245  1.00 10.00 ? 12 G A N7     1 
ATOM 373 C C5     . G A 1 12 ? -13.354 1.473   -6.719  1.00 10.00 ? 12 G A C5     1 
ATOM 374 C C6     . G A 1 12 ? -13.588 1.018   -5.372  1.00 10.00 ? 12 G A C6     1 
ATOM 375 O O6     . G A 1 12 ? -13.544 1.628   -4.304  1.00 10.00 ? 12 G A O6     1 
ATOM 376 N N1     . G A 1 12 ? -13.961 -0.311  -5.312  1.00 10.00 ? 12 G A N1     1 
ATOM 377 C C2     . G A 1 12 ? -14.049 -1.134  -6.390  1.00 10.00 ? 12 G A C2     1 
ATOM 378 N N2     . G A 1 12 ? -14.513 -2.343  -6.188  1.00 10.00 ? 12 G A N2     1 
ATOM 379 N N3     . G A 1 12 ? -13.793 -0.762  -7.644  1.00 10.00 ? 12 G A N3     1 
ATOM 380 C C4     . G A 1 12 ? -13.467 0.560   -7.746  1.00 10.00 ? 12 G A C4     1 
ATOM 381 H "H5'"  . G A 1 12 ? -11.659 3.057   -13.234 1.00 10.00 ? 12 G A "H5'"  1 
ATOM 382 H "H5''" . G A 1 12 ? -13.363 3.176   -13.729 1.00 10.00 ? 12 G A "H5''" 1 
ATOM 383 H "H4'"  . G A 1 12 ? -12.594 0.821   -13.080 1.00 10.00 ? 12 G A "H4'"  1 
ATOM 384 H "H3'"  . G A 1 12 ? -14.875 2.251   -11.739 1.00 10.00 ? 12 G A "H3'"  1 
ATOM 385 H "H2'"  . G A 1 12 ? -15.266 0.473   -10.293 1.00 10.00 ? 12 G A "H2'"  1 
ATOM 386 H "HO2'" . G A 1 12 ? -14.702 -0.793  -12.427 1.00 10.00 ? 12 G A "HO2'" 1 
ATOM 387 H "H1'"  . G A 1 12 ? -12.676 -0.350  -10.063 1.00 10.00 ? 12 G A "H1'"  1 
ATOM 388 H H8     . G A 1 12 ? -12.978 3.346   -9.256  1.00 10.00 ? 12 G A H8     1 
ATOM 389 H H1     . G A 1 12 ? -14.205 -0.658  -4.393  1.00 10.00 ? 12 G A H1     1 
ATOM 390 H H21    . G A 1 12 ? -14.882 -2.616  -5.271  1.00 10.00 ? 12 G A H21    1 
ATOM 391 H H22    . G A 1 12 ? -14.599 -2.923  -7.002  1.00 10.00 ? 12 G A H22    1 
ATOM 392 P P      . C A 1 13 ? -16.544 1.187   -13.641 1.00 10.00 ? 13 C A P      1 
ATOM 393 O OP1    . C A 1 13 ? -17.006 0.277   -14.709 1.00 10.00 ? 13 C A OP1    1 
ATOM 394 O OP2    . C A 1 13 ? -16.593 2.648   -13.820 1.00 10.00 ? 13 C A OP2    1 
ATOM 395 O "O5'"  . C A 1 13 ? -17.331 0.819   -12.297 1.00 10.00 ? 13 C A "O5'"  1 
ATOM 396 C "C5'"  . C A 1 13 ? -17.739 -0.505  -12.018 1.00 10.00 ? 13 C A "C5'"  1 
ATOM 397 C "C4'"  . C A 1 13 ? -18.371 -0.578  -10.629 1.00 10.00 ? 13 C A "C4'"  1 
ATOM 398 O "O4'"  . C A 1 13 ? -17.420 -0.536  -9.581  1.00 10.00 ? 13 C A "O4'"  1 
ATOM 399 C "C3'"  . C A 1 13 ? -19.277 0.609   -10.309 1.00 10.00 ? 13 C A "C3'"  1 
ATOM 400 O "O3'"  . C A 1 13 ? -20.528 0.569   -10.988 1.00 10.00 ? 13 C A "O3'"  1 
ATOM 401 C "C2'"  . C A 1 13 ? -19.447 0.438   -8.808  1.00 10.00 ? 13 C A "C2'"  1 
ATOM 402 O "O2'"  . C A 1 13 ? -20.565 -0.400  -8.615  1.00 10.00 ? 13 C A "O2'"  1 
ATOM 403 C "C1'"  . C A 1 13 ? -18.146 -0.257  -8.395  1.00 10.00 ? 13 C A "C1'"  1 
ATOM 404 N N1     . C A 1 13 ? -17.400 0.599   -7.436  1.00 10.00 ? 13 C A N1     1 
ATOM 405 C C2     . C A 1 13 ? -17.709 0.450   -6.080  1.00 10.00 ? 13 C A C2     1 
ATOM 406 O O2     . C A 1 13 ? -18.351 -0.516  -5.671  1.00 10.00 ? 13 C A O2     1 
ATOM 407 N N3     . C A 1 13 ? -17.311 1.380   -5.181  1.00 10.00 ? 13 C A N3     1 
ATOM 408 C C4     . C A 1 13 ? -16.620 2.427   -5.594  1.00 10.00 ? 13 C A C4     1 
ATOM 409 N N4     . C A 1 13 ? -16.214 3.253   -4.662  1.00 10.00 ? 13 C A N4     1 
ATOM 410 C C5     . C A 1 13 ? -16.250 2.609   -6.961  1.00 10.00 ? 13 C A C5     1 
ATOM 411 C C6     . C A 1 13 ? -16.625 1.658   -7.853  1.00 10.00 ? 13 C A C6     1 
ATOM 412 H "H5'"  . C A 1 13 ? -16.891 -1.188  -12.066 1.00 10.00 ? 13 C A "H5'"  1 
ATOM 413 H "H5''" . C A 1 13 ? -18.475 -0.810  -12.764 1.00 10.00 ? 13 C A "H5''" 1 
ATOM 414 H "H4'"  . C A 1 13 ? -18.943 -1.503  -10.550 1.00 10.00 ? 13 C A "H4'"  1 
ATOM 415 H "H3'"  . C A 1 13 ? -18.746 1.545   -10.477 1.00 10.00 ? 13 C A "H3'"  1 
ATOM 416 H "HO3'" . C A 1 13 ? -20.367 0.843   -11.899 1.00 10.00 ? 13 C A "HO3'" 1 
ATOM 417 H "H2'"  . C A 1 13 ? -19.578 1.407   -8.323  1.00 10.00 ? 13 C A "H2'"  1 
ATOM 418 H "HO2'" . C A 1 13 ? -21.070 -0.258  -9.437  1.00 10.00 ? 13 C A "HO2'" 1 
ATOM 419 H "H1'"  . C A 1 13 ? -18.422 -1.197  -7.916  1.00 10.00 ? 13 C A "H1'"  1 
ATOM 420 H H41    . C A 1 13 ? -16.394 2.960   -3.699  1.00 10.00 ? 13 C A H41    1 
ATOM 421 H H42    . C A 1 13 ? -15.533 3.954   -4.886  1.00 10.00 ? 13 C A H42    1 
ATOM 422 H H5     . C A 1 13 ? -15.648 3.441   -7.290  1.00 10.00 ? 13 C A H5     1 
ATOM 423 H H6     . C A 1 13 ? -16.299 1.741   -8.888  1.00 10.00 ? 13 C A H6     1 
ATOM 424 O "O5'"  . G B 2 1  ? -17.574 -1.337  5.803   1.00 10.00 ? 14 G B "O5'"  1 
ATOM 425 C "C5'"  . G B 2 1  ? -16.328 -1.544  5.172   1.00 10.00 ? 14 G B "C5'"  1 
ATOM 426 C "C4'"  . G B 2 1  ? -16.518 -2.564  4.049   1.00 10.00 ? 14 G B "C4'"  1 
ATOM 427 O "O4'"  . G B 2 1  ? -17.525 -2.139  3.113   1.00 10.00 ? 14 G B "O4'"  1 
ATOM 428 C "C3'"  . G B 2 1  ? -15.221 -2.844  3.273   1.00 10.00 ? 14 G B "C3'"  1 
ATOM 429 O "O3'"  . G B 2 1  ? -14.432 -3.876  3.859   1.00 10.00 ? 14 G B "O3'"  1 
ATOM 430 C "C2'"  . G B 2 1  ? -15.855 -3.253  1.969   1.00 10.00 ? 14 G B "C2'"  1 
ATOM 431 O "O2'"  . G B 2 1  ? -16.377 -4.572  2.028   1.00 10.00 ? 14 G B "O2'"  1 
ATOM 432 C "C1'"  . G B 2 1  ? -17.028 -2.335  1.790   1.00 10.00 ? 14 G B "C1'"  1 
ATOM 433 N N9     . G B 2 1  ? -16.761 -1.020  1.163   1.00 10.00 ? 14 G B N9     1 
ATOM 434 C C8     . G B 2 1  ? -16.413 0.172   1.748   1.00 10.00 ? 14 G B C8     1 
ATOM 435 N N7     . G B 2 1  ? -16.303 1.167   0.910   1.00 10.00 ? 14 G B N7     1 
ATOM 436 C C5     . G B 2 1  ? -16.692 0.618   -0.317  1.00 10.00 ? 14 G B C5     1 
ATOM 437 C C6     . G B 2 1  ? -16.866 1.205   -1.622  1.00 10.00 ? 14 G B C6     1 
ATOM 438 O O6     . G B 2 1  ? -16.623 2.346   -2.019  1.00 10.00 ? 14 G B O6     1 
ATOM 439 N N1     . G B 2 1  ? -17.425 0.331   -2.537  1.00 10.00 ? 14 G B N1     1 
ATOM 440 C C2     . G B 2 1  ? -17.770 -0.956  -2.252  1.00 10.00 ? 14 G B C2     1 
ATOM 441 N N2     . G B 2 1  ? -18.336 -1.655  -3.204  1.00 10.00 ? 14 G B N2     1 
ATOM 442 N N3     . G B 2 1  ? -17.578 -1.548  -1.073  1.00 10.00 ? 14 G B N3     1 
ATOM 443 C C4     . G B 2 1  ? -17.035 -0.707  -0.146  1.00 10.00 ? 14 G B C4     1 
ATOM 444 H "H5'"  . G B 2 1  ? -15.606 -1.929  5.896   1.00 10.00 ? 14 G B "H5'"  1 
ATOM 445 H "H5''" . G B 2 1  ? -15.957 -0.604  4.766   1.00 10.00 ? 14 G B "H5''" 1 
ATOM 446 H "H4'"  . G B 2 1  ? -16.843 -3.510  4.486   1.00 10.00 ? 14 G B "H4'"  1 
ATOM 447 H "H3'"  . G B 2 1  ? -14.636 -1.943  3.065   1.00 10.00 ? 14 G B "H3'"  1 
ATOM 448 H "H2'"  . G B 2 1  ? -15.160 -3.118  1.164   1.00 10.00 ? 14 G B "H2'"  1 
ATOM 449 H "HO2'" . G B 2 1  ? -15.589 -5.158  2.016   1.00 10.00 ? 14 G B "HO2'" 1 
ATOM 450 H "H1'"  . G B 2 1  ? -17.632 -2.909  1.087   1.00 10.00 ? 14 G B "H1'"  1 
ATOM 451 H H8     . G B 2 1  ? -16.277 0.278   2.815   1.00 10.00 ? 14 G B H8     1 
ATOM 452 H H1     . G B 2 1  ? -17.522 0.675   -3.485  1.00 10.00 ? 14 G B H1     1 
ATOM 453 H H21    . G B 2 1  ? -18.408 -1.274  -4.154  1.00 10.00 ? 14 G B H21    1 
ATOM 454 H H22    . G B 2 1  ? -18.494 -2.623  -3.005  1.00 10.00 ? 14 G B H22    1 
ATOM 455 H "HO5'" . G B 2 1  ? -18.244 -1.329  5.109   1.00 10.00 ? 14 G B "HO5'" 1 
ATOM 456 P P      . C B 2 2  ? -13.212 -4.578  3.062   1.00 10.00 ? 15 C B P      1 
ATOM 457 O OP1    . C B 2 2  ? -12.428 -5.388  4.015   1.00 10.00 ? 15 C B OP1    1 
ATOM 458 O OP2    . C B 2 2  ? -12.561 -3.532  2.250   1.00 10.00 ? 15 C B OP2    1 
ATOM 459 O "O5'"  . C B 2 2  ? -13.992 -5.583  2.049   1.00 10.00 ? 15 C B "O5'"  1 
ATOM 460 C "C5'"  . C B 2 2  ? -13.365 -6.118  0.887   1.00 10.00 ? 15 C B "C5'"  1 
ATOM 461 C "C4'"  . C B 2 2  ? -14.394 -6.363  -0.241  1.00 10.00 ? 15 C B "C4'"  1 
ATOM 462 O "O4'"  . C B 2 2  ? -15.299 -5.270  -0.395  1.00 10.00 ? 15 C B "O4'"  1 
ATOM 463 C "C3'"  . C B 2 2  ? -13.731 -6.590  -1.606  1.00 10.00 ? 15 C B "C3'"  1 
ATOM 464 O "O3'"  . C B 2 2  ? -14.068 -7.860  -2.168  1.00 10.00 ? 15 C B "O3'"  1 
ATOM 465 C "C2'"  . C B 2 2  ? -14.315 -5.510  -2.514  1.00 10.00 ? 15 C B "C2'"  1 
ATOM 466 O "O2'"  . C B 2 2  ? -15.025 -6.135  -3.558  1.00 10.00 ? 15 C B "O2'"  1 
ATOM 467 C "C1'"  . C B 2 2  ? -15.226 -4.657  -1.671  1.00 10.00 ? 15 C B "C1'"  1 
ATOM 468 N N1     . C B 2 2  ? -14.655 -3.281  -1.633  1.00 10.00 ? 15 C B N1     1 
ATOM 469 C C2     . C B 2 2  ? -14.915 -2.405  -2.687  1.00 10.00 ? 15 C B C2     1 
ATOM 470 O O2     . C B 2 2  ? -15.534 -2.768  -3.685  1.00 10.00 ? 15 C B O2     1 
ATOM 471 N N3     . C B 2 2  ? -14.429 -1.141  -2.654  1.00 10.00 ? 15 C B N3     1 
ATOM 472 C C4     . C B 2 2  ? -13.650 -0.766  -1.652  1.00 10.00 ? 15 C B C4     1 
ATOM 473 N N4     . C B 2 2  ? -13.173 0.451   -1.740  1.00 10.00 ? 15 C B N4     1 
ATOM 474 C C5     . C B 2 2  ? -13.259 -1.661  -0.610  1.00 10.00 ? 15 C B C5     1 
ATOM 475 C C6     . C B 2 2  ? -13.747 -2.921  -0.680  1.00 10.00 ? 15 C B C6     1 
ATOM 476 H "H5'"  . C B 2 2  ? -12.878 -7.058  1.148   1.00 10.00 ? 15 C B "H5'"  1 
ATOM 477 H "H5''" . C B 2 2  ? -12.589 -5.441  0.533   1.00 10.00 ? 15 C B "H5''" 1 
ATOM 478 H "H4'"  . C B 2 2  ? -14.972 -7.250  0.020   1.00 10.00 ? 15 C B "H4'"  1 
ATOM 479 H "H3'"  . C B 2 2  ? -12.655 -6.416  -1.559  1.00 10.00 ? 15 C B "H3'"  1 
ATOM 480 H "H2'"  . C B 2 2  ? -13.528 -4.865  -2.874  1.00 10.00 ? 15 C B "H2'"  1 
ATOM 481 H "HO2'" . C B 2 2  ? -14.844 -7.077  -3.347  1.00 10.00 ? 15 C B "HO2'" 1 
ATOM 482 H "H1'"  . C B 2 2  ? -16.214 -4.631  -2.135  1.00 10.00 ? 15 C B "H1'"  1 
ATOM 483 H H41    . C B 2 2  ? -13.381 0.943   -2.611  1.00 10.00 ? 15 C B H41    1 
ATOM 484 H H42    . C B 2 2  ? -12.418 0.731   -1.145  1.00 10.00 ? 15 C B H42    1 
ATOM 485 H H5     . C B 2 2  ? -12.563 -1.434  0.185   1.00 10.00 ? 15 C B H5     1 
ATOM 486 H H6     . C B 2 2  ? -13.453 -3.669  0.037   1.00 10.00 ? 15 C B H6     1 
ATOM 487 P P      . G B 2 3  ? -13.317 -9.215  -1.743  1.00 10.00 ? 16 G B P      1 
ATOM 488 O OP1    . G B 2 3  ? -14.240 -10.333 -2.028  1.00 10.00 ? 16 G B OP1    1 
ATOM 489 O OP2    . G B 2 3  ? -12.772 -9.033  -0.383  1.00 10.00 ? 16 G B OP2    1 
ATOM 490 O "O5'"  . G B 2 3  ? -12.101 -9.283  -2.797  1.00 10.00 ? 16 G B "O5'"  1 
ATOM 491 C "C5'"  . G B 2 3  ? -10.908 -8.536  -2.626  1.00 10.00 ? 16 G B "C5'"  1 
ATOM 492 C "C4'"  . G B 2 3  ? -10.692 -7.600  -3.820  1.00 10.00 ? 16 G B "C4'"  1 
ATOM 493 O "O4'"  . G B 2 3  ? -11.536 -6.459  -3.777  1.00 10.00 ? 16 G B "O4'"  1 
ATOM 494 C "C3'"  . G B 2 3  ? -9.304  -6.982  -3.800  1.00 10.00 ? 16 G B "C3'"  1 
ATOM 495 O "O3'"  . G B 2 3  ? -8.275  -7.896  -4.133  1.00 10.00 ? 16 G B "O3'"  1 
ATOM 496 C "C2'"  . G B 2 3  ? -9.494  -5.827  -4.788  1.00 10.00 ? 16 G B "C2'"  1 
ATOM 497 O "O2'"  . G B 2 3  ? -9.286  -6.174  -6.146  1.00 10.00 ? 16 G B "O2'"  1 
ATOM 498 C "C1'"  . G B 2 3  ? -10.966 -5.469  -4.620  1.00 10.00 ? 16 G B "C1'"  1 
ATOM 499 N N9     . G B 2 3  ? -11.033 -4.111  -4.047  1.00 10.00 ? 16 G B N9     1 
ATOM 500 C C8     . G B 2 3  ? -11.078 -3.779  -2.725  1.00 10.00 ? 16 G B C8     1 
ATOM 501 N N7     . G B 2 3  ? -10.979 -2.505  -2.484  1.00 10.00 ? 16 G B N7     1 
ATOM 502 C C5     . G B 2 3  ? -10.806 -1.937  -3.747  1.00 10.00 ? 16 G B C5     1 
ATOM 503 C C6     . G B 2 3  ? -10.597 -0.575  -4.155  1.00 10.00 ? 16 G B C6     1 
ATOM 504 O O6     . G B 2 3  ? -10.613 0.461   -3.494  1.00 10.00 ? 16 G B O6     1 
ATOM 505 N N1     . G B 2 3  ? -10.347 -0.453  -5.507  1.00 10.00 ? 16 G B N1     1 
ATOM 506 C C2     . G B 2 3  ? -10.334 -1.493  -6.382  1.00 10.00 ? 16 G B C2     1 
ATOM 507 N N2     . G B 2 3  ? -9.994  -1.215  -7.620  1.00 10.00 ? 16 G B N2     1 
ATOM 508 N N3     . G B 2 3  ? -10.588 -2.762  -6.053  1.00 10.00 ? 16 G B N3     1 
ATOM 509 C C4     . G B 2 3  ? -10.810 -2.924  -4.712  1.00 10.00 ? 16 G B C4     1 
ATOM 510 H "H5'"  . G B 2 3  ? -10.073 -9.236  -2.573  1.00 10.00 ? 16 G B "H5'"  1 
ATOM 511 H "H5''" . G B 2 3  ? -10.928 -7.954  -1.704  1.00 10.00 ? 16 G B "H5''" 1 
ATOM 512 H "H4'"  . G B 2 3  ? -10.829 -8.148  -4.753  1.00 10.00 ? 16 G B "H4'"  1 
ATOM 513 H "H3'"  . G B 2 3  ? -9.135  -6.570  -2.803  1.00 10.00 ? 16 G B "H3'"  1 
ATOM 514 H "H2'"  . G B 2 3  ? -8.879  -4.986  -4.481  1.00 10.00 ? 16 G B "H2'"  1 
ATOM 515 H "HO2'" . G B 2 3  ? -8.363  -5.971  -6.371  1.00 10.00 ? 16 G B "HO2'" 1 
ATOM 516 H "H1'"  . G B 2 3  ? -11.469 -5.483  -5.581  1.00 10.00 ? 16 G B "H1'"  1 
ATOM 517 H H8     . G B 2 3  ? -11.175 -4.544  -1.975  1.00 10.00 ? 16 G B H8     1 
ATOM 518 H H1     . G B 2 3  ? -10.137 0.482   -5.835  1.00 10.00 ? 16 G B H1     1 
ATOM 519 H H21    . G B 2 3  ? -9.669  -0.275  -7.880  1.00 10.00 ? 16 G B H21    1 
ATOM 520 H H22    . G B 2 3  ? -9.972  -1.991  -8.253  1.00 10.00 ? 16 G B H22    1 
ATOM 521 P P      . G B 2 4  ? -6.736  -7.536  -3.852  1.00 10.00 ? 17 G B P      1 
ATOM 522 O OP1    . G B 2 4  ? -5.942  -8.773  -4.011  1.00 10.00 ? 17 G B OP1    1 
ATOM 523 O OP2    . G B 2 4  ? -6.674  -6.762  -2.596  1.00 10.00 ? 17 G B OP2    1 
ATOM 524 O "O5'"  . G B 2 4  ? -6.389  -6.543  -5.068  1.00 10.00 ? 17 G B "O5'"  1 
ATOM 525 C "C5'"  . G B 2 4  ? -6.139  -7.045  -6.365  1.00 10.00 ? 17 G B "C5'"  1 
ATOM 526 C "C4'"  . G B 2 4  ? -5.958  -5.889  -7.351  1.00 10.00 ? 17 G B "C4'"  1 
ATOM 527 O "O4'"  . G B 2 4  ? -7.030  -4.954  -7.261  1.00 10.00 ? 17 G B "O4'"  1 
ATOM 528 C "C3'"  . G B 2 4  ? -4.664  -5.100  -7.146  1.00 10.00 ? 17 G B "C3'"  1 
ATOM 529 O "O3'"  . G B 2 4  ? -3.561  -5.692  -7.816  1.00 10.00 ? 17 G B "O3'"  1 
ATOM 530 C "C2'"  . G B 2 4  ? -5.041  -3.798  -7.848  1.00 10.00 ? 17 G B "C2'"  1 
ATOM 531 O "O2'"  . G B 2 4  ? -4.885  -3.984  -9.243  1.00 10.00 ? 17 G B "O2'"  1 
ATOM 532 C "C1'"  . G B 2 4  ? -6.519  -3.645  -7.508  1.00 10.00 ? 17 G B "C1'"  1 
ATOM 533 N N9     . G B 2 4  ? -6.685  -2.768  -6.325  1.00 10.00 ? 17 G B N9     1 
ATOM 534 C C8     . G B 2 4  ? -6.962  -3.112  -5.029  1.00 10.00 ? 17 G B C8     1 
ATOM 535 N N7     . G B 2 4  ? -7.154  -2.096  -4.233  1.00 10.00 ? 17 G B N7     1 
ATOM 536 C C5     . G B 2 4  ? -6.925  -0.983  -5.049  1.00 10.00 ? 17 G B C5     1 
ATOM 537 C C6     . G B 2 4  ? -6.947  0.430   -4.773  1.00 10.00 ? 17 G B C6     1 
ATOM 538 O O6     . G B 2 4  ? -7.251  1.031   -3.745  1.00 10.00 ? 17 G B O6     1 
ATOM 539 N N1     . G B 2 4  ? -6.547  1.197   -5.849  1.00 10.00 ? 17 G B N1     1 
ATOM 540 C C2     . G B 2 4  ? -6.215  0.692   -7.068  1.00 10.00 ? 17 G B C2     1 
ATOM 541 N N2     . G B 2 4  ? -5.778  1.542   -7.968  1.00 10.00 ? 17 G B N2     1 
ATOM 542 N N3     . G B 2 4  ? -6.235  -0.605  -7.379  1.00 10.00 ? 17 G B N3     1 
ATOM 543 C C4     . G B 2 4  ? -6.593  -1.396  -6.323  1.00 10.00 ? 17 G B C4     1 
ATOM 544 H "H5'"  . G B 2 4  ? -6.982  -7.659  -6.684  1.00 10.00 ? 17 G B "H5'"  1 
ATOM 545 H "H5''" . G B 2 4  ? -5.237  -7.659  -6.355  1.00 10.00 ? 17 G B "H5''" 1 
ATOM 546 H "H4'"  . G B 2 4  ? -5.938  -6.296  -8.363  1.00 10.00 ? 17 G B "H4'"  1 
ATOM 547 H "H3'"  . G B 2 4  ? -4.481  -4.938  -6.082  1.00 10.00 ? 17 G B "H3'"  1 
ATOM 548 H "H2'"  . G B 2 4  ? -4.439  -2.961  -7.495  1.00 10.00 ? 17 G B "H2'"  1 
ATOM 549 H "HO2'" . G B 2 4  ? -4.178  -4.645  -9.302  1.00 10.00 ? 17 G B "HO2'" 1 
ATOM 550 H "H1'"  . G B 2 4  ? -7.033  -3.183  -8.350  1.00 10.00 ? 17 G B "H1'"  1 
ATOM 551 H H8     . G B 2 4  ? -7.023  -4.144  -4.719  1.00 10.00 ? 17 G B H8     1 
ATOM 552 H H1     . G B 2 4  ? -6.532  2.199   -5.696  1.00 10.00 ? 17 G B H1     1 
ATOM 553 H H21    . G B 2 4  ? -5.683  2.542   -7.748  1.00 10.00 ? 17 G B H21    1 
ATOM 554 H H22    . G B 2 4  ? -5.550  1.154   -8.863  1.00 10.00 ? 17 G B H22    1 
ATOM 555 P P      . C B 2 5  ? -2.057  -5.461  -7.291  1.00 10.00 ? 18 C B P      1 
ATOM 556 O OP1    . C B 2 5  ? -1.154  -6.166  -8.226  1.00 10.00 ? 18 C B OP1    1 
ATOM 557 O OP2    . C B 2 5  ? -2.031  -5.766  -5.848  1.00 10.00 ? 18 C B OP2    1 
ATOM 558 O "O5'"  . C B 2 5  ? -1.855  -3.876  -7.479  1.00 10.00 ? 18 C B "O5'"  1 
ATOM 559 C "C5'"  . C B 2 5  ? -1.538  -3.323  -8.744  1.00 10.00 ? 18 C B "C5'"  1 
ATOM 560 C "C4'"  . C B 2 5  ? -1.528  -1.792  -8.702  1.00 10.00 ? 18 C B "C4'"  1 
ATOM 561 O "O4'"  . C B 2 5  ? -2.737  -1.265  -8.176  1.00 10.00 ? 18 C B "O4'"  1 
ATOM 562 C "C3'"  . C B 2 5  ? -0.417  -1.194  -7.844  1.00 10.00 ? 18 C B "C3'"  1 
ATOM 563 O "O3'"  . C B 2 5  ? 0.839   -1.163  -8.505  1.00 10.00 ? 18 C B "O3'"  1 
ATOM 564 C "C2'"  . C B 2 5  ? -0.947  0.217   -7.662  1.00 10.00 ? 18 C B "C2'"  1 
ATOM 565 O "O2'"  . C B 2 5  ? -0.684  0.959   -8.839  1.00 10.00 ? 18 C B "O2'"  1 
ATOM 566 C "C1'"  . C B 2 5  ? -2.444  -0.034  -7.526  1.00 10.00 ? 18 C B "C1'"  1 
ATOM 567 N N1     . C B 2 5  ? -2.879  -0.001  -6.105  1.00 10.00 ? 18 C B N1     1 
ATOM 568 C C2     . C B 2 5  ? -3.092  1.245   -5.505  1.00 10.00 ? 18 C B C2     1 
ATOM 569 O O2     . C B 2 5  ? -2.877  2.300   -6.100  1.00 10.00 ? 18 C B O2     1 
ATOM 570 N N3     . C B 2 5  ? -3.553  1.316   -4.235  1.00 10.00 ? 18 C B N3     1 
ATOM 571 C C4     . C B 2 5  ? -3.733  0.203   -3.545  1.00 10.00 ? 18 C B C4     1 
ATOM 572 N N4     . C B 2 5  ? -4.277  0.340   -2.361  1.00 10.00 ? 18 C B N4     1 
ATOM 573 C C5     . C B 2 5  ? -3.456  -1.088  -4.083  1.00 10.00 ? 18 C B C5     1 
ATOM 574 C C6     . C B 2 5  ? -3.059  -1.151  -5.379  1.00 10.00 ? 18 C B C6     1 
ATOM 575 H "H5'"  . C B 2 5  ? -2.275  -3.646  -9.477  1.00 10.00 ? 18 C B "H5'"  1 
ATOM 576 H "H5''" . C B 2 5  ? -0.555  -3.680  -9.058  1.00 10.00 ? 18 C B "H5''" 1 
ATOM 577 H "H4'"  . C B 2 5  ? -1.400  -1.422  -9.719  1.00 10.00 ? 18 C B "H4'"  1 
ATOM 578 H "H3'"  . C B 2 5  ? -0.399  -1.689  -6.878  1.00 10.00 ? 18 C B "H3'"  1 
ATOM 579 H "H2'"  . C B 2 5  ? -0.515  0.701   -6.784  1.00 10.00 ? 18 C B "H2'"  1 
ATOM 580 H "HO2'" . C B 2 5  ? 0.150   0.588   -9.163  1.00 10.00 ? 18 C B "HO2'" 1 
ATOM 581 H "H1'"  . C B 2 5  ? -2.951  0.758   -8.042  1.00 10.00 ? 18 C B "H1'"  1 
ATOM 582 H H41    . C B 2 5  ? -4.572  1.292   -2.125  1.00 10.00 ? 18 C B H41    1 
ATOM 583 H H42    . C B 2 5  ? -4.616  -0.461  -1.864  1.00 10.00 ? 18 C B H42    1 
ATOM 584 H H5     . C B 2 5  ? -3.560  -1.984  -3.497  1.00 10.00 ? 18 C B H5     1 
ATOM 585 H H6     . C B 2 5  ? -2.885  -2.099  -5.868  1.00 10.00 ? 18 C B H6     1 
ATOM 586 P P      . A B 2 6  ? 2.215   -1.103  -7.672  1.00 10.00 ? 19 A B P      1 
ATOM 587 O OP1    . A B 2 6  ? 3.322   -1.074  -8.652  1.00 10.00 ? 19 A B OP1    1 
ATOM 588 O OP2    . A B 2 6  ? 2.162   -2.147  -6.632  1.00 10.00 ? 19 A B OP2    1 
ATOM 589 O "O5'"  . A B 2 6  ? 2.140   0.333   -6.949  1.00 10.00 ? 19 A B "O5'"  1 
ATOM 590 C "C5'"  . A B 2 6  ? 2.470   1.525   -7.640  1.00 10.00 ? 19 A B "C5'"  1 
ATOM 591 C "C4'"  . A B 2 6  ? 2.198   2.757   -6.770  1.00 10.00 ? 19 A B "C4'"  1 
ATOM 592 O "O4'"  . A B 2 6  ? 0.863   2.764   -6.278  1.00 10.00 ? 19 A B "O4'"  1 
ATOM 593 C "C3'"  . A B 2 6  ? 3.086   2.844   -5.534  1.00 10.00 ? 19 A B "C3'"  1 
ATOM 594 O "O3'"  . A B 2 6  ? 4.416   3.261   -5.817  1.00 10.00 ? 19 A B "O3'"  1 
ATOM 595 C "C2'"  . A B 2 6  ? 2.287   3.838   -4.708  1.00 10.00 ? 19 A B "C2'"  1 
ATOM 596 O "O2'"  . A B 2 6  ? 2.420   5.184   -5.132  1.00 10.00 ? 19 A B "O2'"  1 
ATOM 597 C "C1'"  . A B 2 6  ? 0.860   3.432   -5.025  1.00 10.00 ? 19 A B "C1'"  1 
ATOM 598 N N9     . A B 2 6  ? 0.258   2.620   -3.948  1.00 10.00 ? 19 A B N9     1 
ATOM 599 C C8     . A B 2 6  ? 0.164   1.257   -3.805  1.00 10.00 ? 19 A B C8     1 
ATOM 600 N N7     . A B 2 6  ? -0.529  0.881   -2.760  1.00 10.00 ? 19 A B N7     1 
ATOM 601 C C5     . A B 2 6  ? -0.909  2.093   -2.163  1.00 10.00 ? 19 A B C5     1 
ATOM 602 C C6     . A B 2 6  ? -1.679  2.464   -1.031  1.00 10.00 ? 19 A B C6     1 
ATOM 603 N N6     . A B 2 6  ? -2.305  1.625   -0.222  1.00 10.00 ? 19 A B N6     1 
ATOM 604 N N1     . A B 2 6  ? -1.832  3.754   -0.716  1.00 10.00 ? 19 A B N1     1 
ATOM 605 C C2     . A B 2 6  ? -1.243  4.669   -1.476  1.00 10.00 ? 19 A B C2     1 
ATOM 606 N N3     . A B 2 6  ? -0.511  4.472   -2.565  1.00 10.00 ? 19 A B N3     1 
ATOM 607 C C4     . A B 2 6  ? -0.390  3.150   -2.862  1.00 10.00 ? 19 A B C4     1 
ATOM 608 H "H5'"  . A B 2 6  ? 1.875   1.600   -8.548  1.00 10.00 ? 19 A B "H5'"  1 
ATOM 609 H "H5''" . A B 2 6  ? 3.526   1.506   -7.915  1.00 10.00 ? 19 A B "H5''" 1 
ATOM 610 H "H4'"  . A B 2 6  ? 2.366   3.657   -7.363  1.00 10.00 ? 19 A B "H4'"  1 
ATOM 611 H "H3'"  . A B 2 6  ? 3.053   1.891   -5.018  1.00 10.00 ? 19 A B "H3'"  1 
ATOM 612 H "H2'"  . A B 2 6  ? 2.507   3.734   -3.649  1.00 10.00 ? 19 A B "H2'"  1 
ATOM 613 H "HO2'" . A B 2 6  ? 2.812   5.666   -4.376  1.00 10.00 ? 19 A B "HO2'" 1 
ATOM 614 H "H1'"  . A B 2 6  ? 0.304   4.357   -5.087  1.00 10.00 ? 19 A B "H1'"  1 
ATOM 615 H H8     . A B 2 6  ? 0.616   0.566   -4.506  1.00 10.00 ? 19 A B H8     1 
ATOM 616 H H61    . A B 2 6  ? -2.824  1.997   0.574   1.00 10.00 ? 19 A B H61    1 
ATOM 617 H H62    . A B 2 6  ? -2.285  0.643   -0.436  1.00 10.00 ? 19 A B H62    1 
ATOM 618 H H2     . A B 2 6  ? -1.382  5.700   -1.183  1.00 10.00 ? 19 A B H2     1 
ATOM 619 P P      . C B 2 7  ? 5.572   3.237   -4.693  1.00 10.00 ? 20 C B P      1 
ATOM 620 O OP1    . C B 2 7  ? 6.864   3.518   -5.352  1.00 10.00 ? 20 C B OP1    1 
ATOM 621 O OP2    . C B 2 7  ? 5.394   2.015   -3.883  1.00 10.00 ? 20 C B OP2    1 
ATOM 622 O "O5'"  . C B 2 7  ? 5.225   4.476   -3.730  1.00 10.00 ? 20 C B "O5'"  1 
ATOM 623 C "C5'"  . C B 2 7  ? 5.377   5.823   -4.123  1.00 10.00 ? 20 C B "C5'"  1 
ATOM 624 C "C4'"  . C B 2 7  ? 4.618   6.714   -3.127  1.00 10.00 ? 20 C B "C4'"  1 
ATOM 625 O "O4'"  . C B 2 7  ? 3.299   6.216   -2.906  1.00 10.00 ? 20 C B "O4'"  1 
ATOM 626 C "C3'"  . C B 2 7  ? 5.290   6.838   -1.761  1.00 10.00 ? 20 C B "C3'"  1 
ATOM 627 O "O3'"  . C B 2 7  ? 6.134   7.984   -1.725  1.00 10.00 ? 20 C B "O3'"  1 
ATOM 628 C "C2'"  . C B 2 7  ? 4.086   7.087   -0.853  1.00 10.00 ? 20 C B "C2'"  1 
ATOM 629 O "O2'"  . C B 2 7  ? 3.818   8.476   -0.880  1.00 10.00 ? 20 C B "O2'"  1 
ATOM 630 C "C1'"  . C B 2 7  ? 2.935   6.361   -1.539  1.00 10.00 ? 20 C B "C1'"  1 
ATOM 631 N N1     . C B 2 7  ? 2.613   5.053   -0.878  1.00 10.00 ? 20 C B N1     1 
ATOM 632 C C2     . C B 2 7  ? 1.611   5.073   0.100   1.00 10.00 ? 20 C B C2     1 
ATOM 633 O O2     . C B 2 7  ? 1.100   6.126   0.475   1.00 10.00 ? 20 C B O2     1 
ATOM 634 N N3     . C B 2 7  ? 1.166   3.920   0.656   1.00 10.00 ? 20 C B N3     1 
ATOM 635 C C4     . C B 2 7  ? 1.677   2.769   0.268   1.00 10.00 ? 20 C B C4     1 
ATOM 636 N N4     . C B 2 7  ? 1.144   1.694   0.795   1.00 10.00 ? 20 C B N4     1 
ATOM 637 C C5     . C B 2 7  ? 2.744   2.684   -0.673  1.00 10.00 ? 20 C B C5     1 
ATOM 638 C C6     . C B 2 7  ? 3.198   3.844   -1.213  1.00 10.00 ? 20 C B C6     1 
ATOM 639 H "H5'"  . C B 2 7  ? 4.957   5.961   -5.121  1.00 10.00 ? 20 C B "H5'"  1 
ATOM 640 H "H5''" . C B 2 7  ? 6.435   6.091   -4.142  1.00 10.00 ? 20 C B "H5''" 1 
ATOM 641 H "H4'"  . C B 2 7  ? 4.539   7.719   -3.544  1.00 10.00 ? 20 C B "H4'"  1 
ATOM 642 H "H3'"  . C B 2 7  ? 5.805   5.911   -1.497  1.00 10.00 ? 20 C B "H3'"  1 
ATOM 643 H "H2'"  . C B 2 7  ? 4.258   6.745   0.167   1.00 10.00 ? 20 C B "H2'"  1 
ATOM 644 H "HO2'" . C B 2 7  ? 4.677   8.848   -1.145  1.00 10.00 ? 20 C B "HO2'" 1 
ATOM 645 H "H1'"  . C B 2 7  ? 2.058   7.024   -1.475  1.00 10.00 ? 20 C B "H1'"  1 
ATOM 646 H H41    . C B 2 7  ? 0.341   1.827   1.419   1.00 10.00 ? 20 C B H41    1 
ATOM 647 H H42    . C B 2 7  ? 1.451   0.783   0.510   1.00 10.00 ? 20 C B H42    1 
ATOM 648 H H5     . C B 2 7  ? 3.186   1.747   -0.970  1.00 10.00 ? 20 C B H5     1 
ATOM 649 H H6     . C B 2 7  ? 4.006   3.761   -1.931  1.00 10.00 ? 20 C B H6     1 
ATOM 650 P P      . C B 2 8  ? 7.431   8.030   -0.783  1.00 10.00 ? 21 C B P      1 
ATOM 651 O OP1    . C B 2 8  ? 7.999   9.389   -0.889  1.00 10.00 ? 21 C B OP1    1 
ATOM 652 O OP2    . C B 2 8  ? 8.246   6.842   -1.097  1.00 10.00 ? 21 C B OP2    1 
ATOM 653 O "O5'"  . C B 2 8  ? 6.803   7.839   0.686   1.00 10.00 ? 21 C B "O5'"  1 
ATOM 654 C "C5'"  . C B 2 8  ? 6.285   8.923   1.439   1.00 10.00 ? 21 C B "C5'"  1 
ATOM 655 C "C4'"  . C B 2 8  ? 5.822   8.439   2.821   1.00 10.00 ? 21 C B "C4'"  1 
ATOM 656 O "O4'"  . C B 2 8  ? 4.768   7.483   2.722   1.00 10.00 ? 21 C B "O4'"  1 
ATOM 657 C "C3'"  . C B 2 8  ? 6.971   7.812   3.612   1.00 10.00 ? 21 C B "C3'"  1 
ATOM 658 O "O3'"  . C B 2 8  ? 7.573   8.777   4.473   1.00 10.00 ? 21 C B "O3'"  1 
ATOM 659 C "C2'"  . C B 2 8  ? 6.242   6.749   4.432   1.00 10.00 ? 21 C B "C2'"  1 
ATOM 660 O "O2'"  . C B 2 8  ? 5.978   7.294   5.705   1.00 10.00 ? 21 C B "O2'"  1 
ATOM 661 C "C1'"  . C B 2 8  ? 4.919   6.494   3.734   1.00 10.00 ? 21 C B "C1'"  1 
ATOM 662 N N1     . C B 2 8  ? 4.965   5.121   3.167   1.00 10.00 ? 21 C B N1     1 
ATOM 663 C C2     . C B 2 8  ? 4.674   4.027   3.993   1.00 10.00 ? 21 C B C2     1 
ATOM 664 O O2     . C B 2 8  ? 4.481   4.158   5.200   1.00 10.00 ? 21 C B O2     1 
ATOM 665 N N3     . C B 2 8  ? 4.666   2.775   3.468   1.00 10.00 ? 21 C B N3     1 
ATOM 666 C C4     . C B 2 8  ? 5.087   2.588   2.229   1.00 10.00 ? 21 C B C4     1 
ATOM 667 N N4     . C B 2 8  ? 5.040   1.359   1.775   1.00 10.00 ? 21 C B N4     1 
ATOM 668 C C5     . C B 2 8  ? 5.620   3.651   1.444   1.00 10.00 ? 21 C B C5     1 
ATOM 669 C C6     . C B 2 8  ? 5.524   4.905   1.937   1.00 10.00 ? 21 C B C6     1 
ATOM 670 H "H5'"  . C B 2 8  ? 5.444   9.379   0.917   1.00 10.00 ? 21 C B "H5'"  1 
ATOM 671 H "H5''" . C B 2 8  ? 7.067   9.673   1.573   1.00 10.00 ? 21 C B "H5''" 1 
ATOM 672 H "H4'"  . C B 2 8  ? 5.451   9.292   3.390   1.00 10.00 ? 21 C B "H4'"  1 
ATOM 673 H "H3'"  . C B 2 8  ? 7.691   7.342   2.941   1.00 10.00 ? 21 C B "H3'"  1 
ATOM 674 H "H2'"  . C B 2 8  ? 6.816   5.822   4.456   1.00 10.00 ? 21 C B "H2'"  1 
ATOM 675 H "HO2'" . C B 2 8  ? 6.609   8.035   5.744   1.00 10.00 ? 21 C B "HO2'" 1 
ATOM 676 H "H1'"  . C B 2 8  ? 4.114   6.564   4.470   1.00 10.00 ? 21 C B "H1'"  1 
ATOM 677 H H41    . C B 2 8  ? 4.697   0.640   2.417   1.00 10.00 ? 21 C B H41    1 
ATOM 678 H H42    . C B 2 8  ? 5.472   1.134   0.900   1.00 10.00 ? 21 C B H42    1 
ATOM 679 H H5     . C B 2 8  ? 6.107   3.517   0.500   1.00 10.00 ? 21 C B H5     1 
ATOM 680 H H6     . C B 2 8  ? 5.913   5.744   1.381   1.00 10.00 ? 21 C B H6     1 
ATOM 681 P P      . U B 2 9  ? 9.147   8.737   4.815   1.00 10.00 ? 22 U B P      1 
ATOM 682 O OP1    . U B 2 9  ? 9.457   9.932   5.625   1.00 10.00 ? 22 U B OP1    1 
ATOM 683 O OP2    . U B 2 9  ? 9.884   8.465   3.567   1.00 10.00 ? 22 U B OP2    1 
ATOM 684 O "O5'"  . U B 2 9  ? 9.250   7.442   5.760   1.00 10.00 ? 22 U B "O5'"  1 
ATOM 685 C "C5'"  . U B 2 9  ? 9.011   7.525   7.156   1.00 10.00 ? 22 U B "C5'"  1 
ATOM 686 C "C4'"  . U B 2 9  ? 8.968   6.125   7.774   1.00 10.00 ? 22 U B "C4'"  1 
ATOM 687 O "O4'"  . U B 2 9  ? 7.970   5.343   7.123   1.00 10.00 ? 22 U B "O4'"  1 
ATOM 688 C "C3'"  . U B 2 9  ? 10.290  5.368   7.647   1.00 10.00 ? 22 U B "C3'"  1 
ATOM 689 O "O3'"  . U B 2 9  ? 11.211  5.624   8.706   1.00 10.00 ? 22 U B "O3'"  1 
ATOM 690 C "C2'"  . U B 2 9  ? 9.774   3.933   7.676   1.00 10.00 ? 22 U B "C2'"  1 
ATOM 691 O "O2'"  . U B 2 9  ? 9.714   3.420   8.993   1.00 10.00 ? 22 U B "O2'"  1 
ATOM 692 C "C1'"  . U B 2 9  ? 8.334   3.977   7.206   1.00 10.00 ? 22 U B "C1'"  1 
ATOM 693 N N1     . U B 2 9  ? 8.175   3.240   5.927   1.00 10.00 ? 22 U B N1     1 
ATOM 694 C C2     . U B 2 9  ? 7.773   1.904   6.014   1.00 10.00 ? 22 U B C2     1 
ATOM 695 O O2     . U B 2 9  ? 7.501   1.337   7.069   1.00 10.00 ? 22 U B O2     1 
ATOM 696 N N3     . U B 2 9  ? 7.705   1.202   4.835   1.00 10.00 ? 22 U B N3     1 
ATOM 697 C C4     . U B 2 9  ? 8.044   1.669   3.589   1.00 10.00 ? 22 U B C4     1 
ATOM 698 O O4     . U B 2 9  ? 7.957   0.916   2.625   1.00 10.00 ? 22 U B O4     1 
ATOM 699 C C5     . U B 2 9  ? 8.473   3.056   3.573   1.00 10.00 ? 22 U B C5     1 
ATOM 700 C C6     . U B 2 9  ? 8.536   3.794   4.717   1.00 10.00 ? 22 U B C6     1 
ATOM 701 H "H5'"  . U B 2 9  ? 8.056   8.019   7.337   1.00 10.00 ? 22 U B "H5'"  1 
ATOM 702 H "H5''" . U B 2 9  ? 9.804   8.108   7.628   1.00 10.00 ? 22 U B "H5''" 1 
ATOM 703 H "H4'"  . U B 2 9  ? 8.724   6.199   8.834   1.00 10.00 ? 22 U B "H4'"  1 
ATOM 704 H "H3'"  . U B 2 9  ? 10.744  5.574   6.675   1.00 10.00 ? 22 U B "H3'"  1 
ATOM 705 H "H2'"  . U B 2 9  ? 10.386  3.318   7.022   1.00 10.00 ? 22 U B "H2'"  1 
ATOM 706 H "HO2'" . U B 2 9  ? 10.638  3.347   9.304   1.00 10.00 ? 22 U B "HO2'" 1 
ATOM 707 H "H1'"  . U B 2 9  ? 7.747   3.470   7.975   1.00 10.00 ? 22 U B "H1'"  1 
ATOM 708 H H3     . U B 2 9  ? 7.470   0.221   4.916   1.00 10.00 ? 22 U B H3     1 
ATOM 709 H H5     . U B 2 9  ? 8.757   3.485   2.624   1.00 10.00 ? 22 U B H5     1 
ATOM 710 H H6     . U B 2 9  ? 8.881   4.822   4.693   1.00 10.00 ? 22 U B H6     1 
ATOM 711 P P      . G B 2 10 ? 12.668  4.926   8.746   1.00 10.00 ? 23 G B P      1 
ATOM 712 O OP1    . G B 2 10 ? 13.469  5.600   9.787   1.00 10.00 ? 23 G B OP1    1 
ATOM 713 O OP2    . G B 2 10 ? 13.159  4.841   7.357   1.00 10.00 ? 23 G B OP2    1 
ATOM 714 O "O5'"  . G B 2 10 ? 12.353  3.410   9.246   1.00 10.00 ? 23 G B "O5'"  1 
ATOM 715 C "C5'"  . G B 2 10 ? 12.384  3.040   10.616  1.00 10.00 ? 23 G B "C5'"  1 
ATOM 716 C "C4'"  . G B 2 10 ? 12.087  1.541   10.811  1.00 10.00 ? 23 G B "C4'"  1 
ATOM 717 O "O4'"  . G B 2 10 ? 10.876  1.137   10.167  1.00 10.00 ? 23 G B "O4'"  1 
ATOM 718 C "C3'"  . G B 2 10 ? 13.198  0.594   10.344  1.00 10.00 ? 23 G B "C3'"  1 
ATOM 719 O "O3'"  . G B 2 10 ? 14.141  0.330   11.375  1.00 10.00 ? 23 G B "O3'"  1 
ATOM 720 C "C2'"  . G B 2 10 ? 12.355  -0.675  10.130  1.00 10.00 ? 23 G B "C2'"  1 
ATOM 721 O "O2'"  . G B 2 10 ? 12.178  -1.302  11.387  1.00 10.00 ? 23 G B "O2'"  1 
ATOM 722 C "C1'"  . G B 2 10 ? 11.003  -0.184  9.639   1.00 10.00 ? 23 G B "C1'"  1 
ATOM 723 N N9     . G B 2 10 ? 10.964  -0.191  8.161   1.00 10.00 ? 23 G B N9     1 
ATOM 724 C C8     . G B 2 10 ? 11.080  0.874   7.325   1.00 10.00 ? 23 G B C8     1 
ATOM 725 N N7     . G B 2 10 ? 10.935  0.607   6.058   1.00 10.00 ? 23 G B N7     1 
ATOM 726 C C5     . G B 2 10 ? 10.744  -0.777  6.047   1.00 10.00 ? 23 G B C5     1 
ATOM 727 C C6     . G B 2 10 ? 10.563  -1.698  4.959   1.00 10.00 ? 23 G B C6     1 
ATOM 728 O O6     . G B 2 10 ? 10.469  -1.481  3.753   1.00 10.00 ? 23 G B O6     1 
ATOM 729 N N1     . G B 2 10 ? 10.520  -3.016  5.372   1.00 10.00 ? 23 G B N1     1 
ATOM 730 C C2     . G B 2 10 ? 10.594  -3.415  6.672   1.00 10.00 ? 23 G B C2     1 
ATOM 731 N N2     . G B 2 10 ? 10.637  -4.708  6.897   1.00 10.00 ? 23 G B N2     1 
ATOM 732 N N3     . G B 2 10 ? 10.718  -2.588  7.711   1.00 10.00 ? 23 G B N3     1 
ATOM 733 C C4     . G B 2 10 ? 10.794  -1.277  7.334   1.00 10.00 ? 23 G B C4     1 
ATOM 734 H "H5'"  . G B 2 10 ? 11.643  3.624   11.163  1.00 10.00 ? 23 G B "H5'"  1 
ATOM 735 H "H5''" . G B 2 10 ? 13.371  3.261   11.029  1.00 10.00 ? 23 G B "H5''" 1 
ATOM 736 H "H4'"  . G B 2 10 ? 11.958  1.368   11.879  1.00 10.00 ? 23 G B "H4'"  1 
ATOM 737 H "H3'"  . G B 2 10 ? 13.691  0.972   9.435   1.00 10.00 ? 23 G B "H3'"  1 
ATOM 738 H "H2'"  . G B 2 10 ? 12.812  -1.355  9.421   1.00 10.00 ? 23 G B "H2'"  1 
ATOM 739 H "HO2'" . G B 2 10 ? 12.955  -1.003  11.889  1.00 10.00 ? 23 G B "HO2'" 1 
ATOM 740 H "H1'"  . G B 2 10 ? 10.192  -0.833  9.979   1.00 10.00 ? 23 G B "H1'"  1 
ATOM 741 H H8     . G B 2 10 ? 11.257  1.841   7.747   1.00 10.00 ? 23 G B H8     1 
ATOM 742 H H1     . G B 2 10 ? 10.445  -3.705  4.633   1.00 10.00 ? 23 G B H1     1 
ATOM 743 H H21    . G B 2 10 ? 10.644  -5.370  6.111   1.00 10.00 ? 23 G B H21    1 
ATOM 744 H H22    . G B 2 10 ? 10.708  -4.983  7.858   1.00 10.00 ? 23 G B H22    1 
ATOM 745 P P      . C B 2 11 ? 15.628  -0.175  11.019  1.00 10.00 ? 24 C B P      1 
ATOM 746 O OP1    . C B 2 11 ? 16.334  -0.401  12.297  1.00 10.00 ? 24 C B OP1    1 
ATOM 747 O OP2    . C B 2 11 ? 16.183  0.741   10.005  1.00 10.00 ? 24 C B OP2    1 
ATOM 748 O "O5'"  . C B 2 11 ? 15.373  -1.603  10.316  1.00 10.00 ? 24 C B "O5'"  1 
ATOM 749 C "C5'"  . C B 2 11 ? 15.166  -2.780  11.078  1.00 10.00 ? 24 C B "C5'"  1 
ATOM 750 C "C4'"  . C B 2 11 ? 14.911  -3.993  10.176  1.00 10.00 ? 24 C B "C4'"  1 
ATOM 751 O "O4'"  . C B 2 11 ? 13.798  -3.812  9.303   1.00 10.00 ? 24 C B "O4'"  1 
ATOM 752 C "C3'"  . C B 2 11 ? 16.110  -4.357  9.302   1.00 10.00 ? 24 C B "C3'"  1 
ATOM 753 O "O3'"  . C B 2 11 ? 17.054  -5.165  9.993   1.00 10.00 ? 24 C B "O3'"  1 
ATOM 754 C "C2'"  . C B 2 11 ? 15.401  -5.179  8.230   1.00 10.00 ? 24 C B "C2'"  1 
ATOM 755 O "O2'"  . C B 2 11 ? 15.179  -6.480  8.743   1.00 10.00 ? 24 C B "O2'"  1 
ATOM 756 C "C1'"  . C B 2 11 ? 14.065  -4.460  8.061   1.00 10.00 ? 24 C B "C1'"  1 
ATOM 757 N N1     . C B 2 11 ? 14.073  -3.498  6.917   1.00 10.00 ? 24 C B N1     1 
ATOM 758 C C2     . C B 2 11 ? 13.886  -4.006  5.626   1.00 10.00 ? 24 C B C2     1 
ATOM 759 O O2     . C B 2 11 ? 13.830  -5.214  5.411   1.00 10.00 ? 24 C B O2     1 
ATOM 760 N N3     . C B 2 11 ? 13.766  -3.163  4.570   1.00 10.00 ? 24 C B N3     1 
ATOM 761 C C4     . C B 2 11 ? 13.842  -1.858  4.766   1.00 10.00 ? 24 C B C4     1 
ATOM 762 N N4     . C B 2 11 ? 13.693  -1.096  3.709   1.00 10.00 ? 24 C B N4     1 
ATOM 763 C C5     . C B 2 11 ? 14.060  -1.286  6.054   1.00 10.00 ? 24 C B C5     1 
ATOM 764 C C6     . C B 2 11 ? 14.169  -2.137  7.104   1.00 10.00 ? 24 C B C6     1 
ATOM 765 H "H5'"  . C B 2 11 ? 14.314  -2.649  11.742  1.00 10.00 ? 24 C B "H5'"  1 
ATOM 766 H "H5''" . C B 2 11 ? 16.052  -2.973  11.687  1.00 10.00 ? 24 C B "H5''" 1 
ATOM 767 H "H4'"  . C B 2 11 ? 14.698  -4.850  10.815  1.00 10.00 ? 24 C B "H4'"  1 
ATOM 768 H "H3'"  . C B 2 11 ? 16.554  -3.456  8.874   1.00 10.00 ? 24 C B "H3'"  1 
ATOM 769 H "H2'"  . C B 2 11 ? 15.971  -5.233  7.307   1.00 10.00 ? 24 C B "H2'"  1 
ATOM 770 H "HO2'" . C B 2 11 ? 15.906  -6.606  9.370   1.00 10.00 ? 24 C B "HO2'" 1 
ATOM 771 H "H1'"  . C B 2 11 ? 13.310  -5.220  7.857   1.00 10.00 ? 24 C B "H1'"  1 
ATOM 772 H H41    . C B 2 11 ? 13.441  -1.567  2.835   1.00 10.00 ? 24 C B H41    1 
ATOM 773 H H42    . C B 2 11 ? 13.577  -0.106  3.822   1.00 10.00 ? 24 C B H42    1 
ATOM 774 H H5     . C B 2 11 ? 14.117  -0.221  6.215   1.00 10.00 ? 24 C B H5     1 
ATOM 775 H H6     . C B 2 11 ? 14.307  -1.740  8.101   1.00 10.00 ? 24 C B H6     1 
ATOM 776 P P      . C B 2 12 ? 18.581  -5.262  9.495   1.00 10.00 ? 25 C B P      1 
ATOM 777 O OP1    . C B 2 12 ? 19.335  -6.089  10.459  1.00 10.00 ? 25 C B OP1    1 
ATOM 778 O OP2    . C B 2 12 ? 19.049  -3.911  9.139   1.00 10.00 ? 25 C B OP2    1 
ATOM 779 O "O5'"  . C B 2 12 ? 18.458  -6.096  8.129   1.00 10.00 ? 25 C B "O5'"  1 
ATOM 780 C "C5'"  . C B 2 12 ? 18.405  -7.510  8.116   1.00 10.00 ? 25 C B "C5'"  1 
ATOM 781 C "C4'"  . C B 2 12 ? 18.509  -8.019  6.677   1.00 10.00 ? 25 C B "C4'"  1 
ATOM 782 O "O4'"  . C B 2 12 ? 17.348  -7.705  5.922   1.00 10.00 ? 25 C B "O4'"  1 
ATOM 783 C "C3'"  . C B 2 12 ? 19.684  -7.412  5.904   1.00 10.00 ? 25 C B "C3'"  1 
ATOM 784 O "O3'"  . C B 2 12 ? 20.928  -8.050  6.175   1.00 10.00 ? 25 C B "O3'"  1 
ATOM 785 C "C2'"  . C B 2 12 ? 19.245  -7.663  4.470   1.00 10.00 ? 25 C B "C2'"  1 
ATOM 786 O "O2'"  . C B 2 12 ? 19.599  -8.987  4.131   1.00 10.00 ? 25 C B "O2'"  1 
ATOM 787 C "C1'"  . C B 2 12 ? 17.727  -7.499  4.565   1.00 10.00 ? 25 C B "C1'"  1 
ATOM 788 N N1     . C B 2 12 ? 17.306  -6.153  4.094   1.00 10.00 ? 25 C B N1     1 
ATOM 789 C C2     . C B 2 12 ? 16.936  -5.984  2.757   1.00 10.00 ? 25 C B C2     1 
ATOM 790 O O2     . C B 2 12 ? 16.884  -6.934  1.977   1.00 10.00 ? 25 C B O2     1 
ATOM 791 N N3     . C B 2 12 ? 16.645  -4.745  2.290   1.00 10.00 ? 25 C B N3     1 
ATOM 792 C C4     . C B 2 12 ? 16.676  -3.709  3.115   1.00 10.00 ? 25 C B C4     1 
ATOM 793 N N4     . C B 2 12 ? 16.384  -2.545  2.591   1.00 10.00 ? 25 C B N4     1 
ATOM 794 C C5     . C B 2 12 ? 17.029  -3.834  4.493   1.00 10.00 ? 25 C B C5     1 
ATOM 795 C C6     . C B 2 12 ? 17.345  -5.075  4.935   1.00 10.00 ? 25 C B C6     1 
ATOM 796 H "H5'"  . C B 2 12 ? 17.475  -7.860  8.563   1.00 10.00 ? 25 C B "H5'"  1 
ATOM 797 H "H5''" . C B 2 12 ? 19.243  -7.908  8.690   1.00 10.00 ? 25 C B "H5''" 1 
ATOM 798 H "H4'"  . C B 2 12 ? 18.624  -9.104  6.692   1.00 10.00 ? 25 C B "H4'"  1 
ATOM 799 H "H3'"  . C B 2 12 ? 19.736  -6.335  6.062   1.00 10.00 ? 25 C B "H3'"  1 
ATOM 800 H "HO3'" . C B 2 12 ? 21.252  -7.715  7.019   1.00 10.00 ? 25 C B "HO3'" 1 
ATOM 801 H "H2'"  . C B 2 12 ? 19.702  -6.950  3.782   1.00 10.00 ? 25 C B "H2'"  1 
ATOM 802 H "HO2'" . C B 2 12 ? 20.378  -9.153  4.687   1.00 10.00 ? 25 C B "HO2'" 1 
ATOM 803 H "H1'"  . C B 2 12 ? 17.257  -8.246  3.943   1.00 10.00 ? 25 C B "H1'"  1 
ATOM 804 H H41    . C B 2 12 ? 16.184  -2.535  1.587   1.00 10.00 ? 25 C B H41    1 
ATOM 805 H H42    . C B 2 12 ? 16.265  -1.732  3.165   1.00 10.00 ? 25 C B H42    1 
ATOM 806 H H5     . C B 2 12 ? 17.058  -2.996  5.170   1.00 10.00 ? 25 C B H5     1 
ATOM 807 H H6     . C B 2 12 ? 17.638  -5.263  5.955   1.00 10.00 ? 25 C B H6     1 
# 
